data_8UA7
#
_entry.id   8UA7
#
_cell.length_a   1.00
_cell.length_b   1.00
_cell.length_c   1.00
_cell.angle_alpha   90.00
_cell.angle_beta   90.00
_cell.angle_gamma   90.00
#
_symmetry.space_group_name_H-M   'P 1'
#
loop_
_entity.id
_entity.type
_entity.pdbx_description
1 polymer 'Histone H3'
2 polymer 'Histone H4'
3 polymer 'Histone H2A'
4 polymer 'Histone H2B'
5 polymer 'WIDOM 601 DNA strand 1'
6 polymer 'WIDOM 601 DNA strand 2'
#
loop_
_entity_poly.entity_id
_entity_poly.type
_entity_poly.pdbx_seq_one_letter_code
_entity_poly.pdbx_strand_id
1 'polypeptide(L)'
;MHHHHHHGKPIPNPLLGLDSTENLYFQGIDPFTMPKERAIKKSKSAVKKVAEKKAAIKSKAKKAATGVKKPHRFRPGTTA
KRLSKKEQKLSSTKTTVRRAPFGRIVRTIASLSSADSMRFSANAVDLLQQGIELYMLDLMKNAALAAKQAKRMTLMGKDI
DLIQTANHEMIDEAHAAKLANTSSAGFARRRVTKKE
;
A,E
2 'polypeptide(L)'
;MHHHHHHGKPIPNPLLGLDSTENLYFQGIDPFTMPKKIAARRSSKHIKNLGEEIGNSAVRKTVLRTGVVFRLDKTVRPKF
HKVMLSKLYEAVNIAKLAAKHSGRSTIQPKDVRLGLKLASIKLLA
;
B,F
3 'polypeptide(L)'
;MHHHHHHGKPIPNPLLGLDSTENLYFQGIDPFTMEIDSHVQPAEVLAAASESMQLEEQTQLPASAAGEALEELQTEGKKT
SPAKKRTSSGKNVKRANERAGLKLPPGRIQKIIKANQTTDVGRSSPTASVFLTAVIEDIVKEIIKGADKKSEERGRIRIS
PQDILKYLTENGEAYMHILGDAFVSHGGVGQVAEMAAAAANTGIKKRKRAASTAEGAPKKKIAKKAAAKKATGAKKVVKK
KSGSTKSKTTGKSVTKKASSRKVASA
;
C,G
4 'polypeptide(L)'
;MHHHHHHGKPIPNPLLGLDSTENLYFQGIDPFTMSQIDEHVTEMTEFEAEHESTYSEHSDEEEQELGARVPSRKQKGKAA
AKKVKKAVAKKSGEERRRKKNYDSFATFIAKLVGPNGKGRKPGFSAKGMEVLESIVKSLATEMTIVANELAKHQGRQTLG
AGDFRTALAVRGSLIAREPATVKALTEMGEKAVLKYQSSLGRPAKTAPKKKKATKKASA
;
D,H
5 'polydeoxyribonucleotide'
;(DA)(DT)(DC)(DT)(DA)(DG)(DT)(DA)(DT)(DT)(DA)(DA)(DT)(DT)(DA)(DA)(DT)(DA)(DT)(DG)
(DA)(DA)(DT)(DT)(DC)(DG)(DG)(DA)(DT)(DC)(DC)(DA)(DC)(DA)(DT)(DG)(DC)(DA)(DC)(DA)
(DG)(DG)(DA)(DT)(DG)(DT)(DA)(DT)(DA)(DT)(DA)(DT)(DC)(DT)(DG)(DA)(DC)(DA)(DC)(DG)
(DT)(DG)(DC)(DC)(DT)(DG)(DG)(DA)(DG)(DA)(DC)(DT)(DA)(DG)(DG)(DG)(DA)(DG)(DT)(DA)
(DA)(DT)(DC)(DC)(DC)(DC)(DT)(DT)(DG)(DG)(DC)(DG)(DG)(DT)(DT)(DA)(DA)(DA)(DA)(DC)
(DG)(DC)(DG)(DG)(DG)(DG)(DG)(DA)(DC)(DA)(DG)(DC)(DG)(DC)(DG)(DT)(DA)(DC)(DG)(DT)
(DG)(DC)(DG)(DT)(DT)(DT)(DA)(DA)(DG)(DC)(DG)(DG)(DT)(DG)(DC)(DT)(DA)(DG)(DA)(DG)
(DC)(DT)(DG)(DT)(DC)(DT)(DA)(DC)(DG)(DA)(DC)(DC)(DA)(DA)(DT)(DT)(DG)(DA)(DG)(DC)
(DG)(DG)(DC)(DC)(DT)(DC)(DG)(DG)(DC)(DA)(DC)(DC)(DG)(DG)(DA)(DT)(DT)(DC)(DA)(DT)
(DC)(DG)(DG)(DG)(DC)(DG)(DG)(DC)(DC)(DG)(DC)(DG)(DT)(DA)(DT)(DA)(DG)(DG)(DG)(DT)
(DC)(DC)(DG)(DA)(DT)
;
I
6 'polydeoxyribonucleotide'
;(DA)(DT)(DC)(DG)(DG)(DA)(DC)(DC)(DC)(DT)(DA)(DT)(DA)(DC)(DG)(DC)(DG)(DG)(DC)(DC)
(DG)(DC)(DC)(DC)(DG)(DA)(DT)(DG)(DA)(DA)(DT)(DC)(DC)(DG)(DG)(DT)(DG)(DC)(DC)(DG)
(DA)(DG)(DG)(DC)(DC)(DG)(DC)(DT)(DC)(DA)(DA)(DT)(DT)(DG)(DG)(DT)(DC)(DG)(DT)(DA)
(DG)(DA)(DC)(DA)(DG)(DC)(DT)(DC)(DT)(DA)(DG)(DC)(DA)(DC)(DC)(DG)(DC)(DT)(DT)(DA)
(DA)(DA)(DC)(DG)(DC)(DA)(DC)(DG)(DT)(DA)(DC)(DG)(DC)(DG)(DC)(DT)(DG)(DT)(DC)(DC)
(DC)(DC)(DC)(DG)(DC)(DG)(DT)(DT)(DT)(DT)(DA)(DA)(DC)(DC)(DG)(DC)(DC)(DA)(DA)(DG)
(DG)(DG)(DG)(DA)(DT)(DT)(DA)(DC)(DT)(DC)(DC)(DC)(DT)(DA)(DG)(DT)(DC)(DT)(DC)(DC)
(DA)(DG)(DG)(DC)(DA)(DC)(DG)(DT)(DG)(DT)(DC)(DA)(DG)(DA)(DT)(DA)(DT)(DA)(DT)(DA)
(DC)(DA)(DT)(DC)(DC)(DT)(DG)(DT)(DG)(DC)(DA)(DT)(DG)(DT)(DG)(DG)(DA)(DT)(DC)(DC)
(DG)(DA)(DA)(DT)(DT)(DC)(DA)(DT)(DA)(DT)(DT)(DA)(DA)(DT)(DT)(DA)(DA)(DT)(DA)(DC)
(DT)(DA)(DG)(DA)(DT)
;
J
#
# COMPACT_ATOMS: atom_id res chain seq x y z
N THR A 78 0.68 33.22 -26.28
CA THR A 78 1.00 31.80 -26.46
C THR A 78 2.46 31.47 -26.12
N THR A 79 3.18 32.40 -25.50
CA THR A 79 4.55 32.10 -25.07
C THR A 79 4.57 31.01 -24.02
N ALA A 80 3.54 30.96 -23.16
CA ALA A 80 3.43 29.87 -22.21
C ALA A 80 3.31 28.53 -22.91
N LYS A 81 2.49 28.48 -23.97
CA LYS A 81 2.36 27.25 -24.74
C LYS A 81 3.67 26.88 -25.44
N ARG A 82 4.38 27.87 -25.99
CA ARG A 82 5.66 27.58 -26.64
C ARG A 82 6.68 27.04 -25.64
N LEU A 83 6.72 27.62 -24.44
CA LEU A 83 7.65 27.15 -23.43
C LEU A 83 7.27 25.75 -22.94
N SER A 84 5.97 25.50 -22.76
CA SER A 84 5.52 24.18 -22.39
C SER A 84 5.81 23.15 -23.48
N LYS A 85 5.94 23.59 -24.73
CA LYS A 85 6.34 22.66 -25.79
C LYS A 85 7.73 22.09 -25.54
N LYS A 86 8.67 22.93 -25.12
CA LYS A 86 10.04 22.49 -24.87
C LYS A 86 10.27 22.00 -23.46
N GLU A 87 9.29 22.20 -22.56
CA GLU A 87 9.48 21.80 -21.17
C GLU A 87 9.67 20.30 -21.03
N GLN A 88 8.91 19.49 -21.76
CA GLN A 88 9.09 18.04 -21.69
C GLN A 88 10.45 17.62 -22.23
N LYS A 89 10.87 18.22 -23.35
CA LYS A 89 12.18 17.87 -23.92
C LYS A 89 13.30 18.21 -22.95
N LEU A 90 13.19 19.34 -22.25
CA LEU A 90 14.14 19.64 -21.20
C LEU A 90 14.01 18.66 -20.04
N SER A 91 12.78 18.21 -19.75
CA SER A 91 12.56 17.28 -18.65
C SER A 91 13.22 15.94 -18.90
N SER A 92 13.40 15.57 -20.18
CA SER A 92 14.09 14.33 -20.49
C SER A 92 15.52 14.30 -19.97
N THR A 93 16.13 15.45 -19.75
CA THR A 93 17.52 15.50 -19.31
C THR A 93 17.79 16.45 -18.15
N LYS A 94 16.95 17.45 -17.91
CA LYS A 94 17.22 18.46 -16.89
C LYS A 94 16.33 18.25 -15.66
N THR A 95 16.59 19.06 -14.64
CA THR A 95 15.87 18.99 -13.38
C THR A 95 15.31 20.37 -13.04
N THR A 96 14.24 20.36 -12.24
CA THR A 96 13.53 21.60 -11.94
C THR A 96 14.35 22.51 -11.03
N VAL A 97 14.91 21.95 -9.96
CA VAL A 97 15.70 22.71 -8.99
C VAL A 97 17.15 22.26 -9.11
N ARG A 98 18.08 23.22 -9.12
CA ARG A 98 19.46 22.94 -9.42
C ARG A 98 20.07 22.02 -8.36
N ARG A 99 21.27 21.52 -8.67
CA ARG A 99 21.87 20.46 -7.86
C ARG A 99 22.32 20.95 -6.50
N ALA A 100 23.03 22.08 -6.45
CA ALA A 100 23.48 22.61 -5.17
C ALA A 100 22.32 23.00 -4.26
N PRO A 101 21.26 23.66 -4.73
CA PRO A 101 20.10 23.89 -3.85
C PRO A 101 19.37 22.61 -3.47
N PHE A 102 19.80 21.45 -3.98
CA PHE A 102 19.26 20.20 -3.49
C PHE A 102 20.19 19.57 -2.45
N GLY A 103 21.50 19.59 -2.73
CA GLY A 103 22.51 19.14 -1.79
C GLY A 103 22.38 19.87 -0.47
N ARG A 104 22.38 21.20 -0.50
CA ARG A 104 21.76 21.91 0.60
C ARG A 104 20.25 21.78 0.45
N ILE A 105 19.55 21.91 1.58
CA ILE A 105 18.19 21.39 1.82
C ILE A 105 18.31 19.95 2.29
N VAL A 106 18.86 19.05 1.46
CA VAL A 106 18.98 17.66 1.91
C VAL A 106 19.91 17.58 3.12
N ARG A 107 21.06 18.23 3.05
CA ARG A 107 22.00 18.20 4.16
C ARG A 107 21.41 18.86 5.40
N THR A 108 20.73 19.99 5.21
CA THR A 108 20.16 20.71 6.35
C THR A 108 19.08 19.90 7.05
N ILE A 109 18.23 19.23 6.28
CA ILE A 109 17.17 18.41 6.87
C ILE A 109 17.76 17.18 7.55
N ALA A 110 18.78 16.56 6.94
CA ALA A 110 19.44 15.44 7.59
C ALA A 110 20.11 15.86 8.89
N SER A 111 20.60 17.10 8.97
CA SER A 111 21.27 17.55 10.19
C SER A 111 20.32 17.81 11.34
N LEU A 112 19.00 17.81 11.10
CA LEU A 112 18.04 18.02 12.16
C LEU A 112 17.70 16.70 12.85
N SER A 113 17.01 16.81 13.99
CA SER A 113 16.62 15.68 14.82
C SER A 113 17.83 14.93 15.38
N SER A 114 18.98 15.59 15.45
CA SER A 114 20.21 15.02 15.99
C SER A 114 21.22 16.16 16.12
N ALA A 115 22.46 15.82 16.47
CA ALA A 115 23.53 16.80 16.63
C ALA A 115 24.81 16.30 15.99
N ASP A 116 24.71 15.74 14.79
CA ASP A 116 25.88 15.22 14.08
C ASP A 116 25.77 15.53 12.60
N SER A 117 26.93 15.62 11.94
CA SER A 117 26.99 15.82 10.50
C SER A 117 26.82 14.46 9.83
N MET A 118 25.74 14.30 9.05
CA MET A 118 25.38 12.99 8.55
C MET A 118 26.26 12.54 7.38
N ARG A 119 26.99 13.46 6.75
CA ARG A 119 28.05 13.13 5.79
C ARG A 119 27.49 12.28 4.64
N PHE A 120 26.62 12.91 3.86
CA PHE A 120 25.98 12.25 2.73
C PHE A 120 27.01 11.72 1.73
N SER A 121 26.53 10.87 0.82
CA SER A 121 27.33 10.35 -0.27
C SER A 121 27.13 11.20 -1.53
N ALA A 122 27.64 10.72 -2.65
CA ALA A 122 27.56 11.45 -3.91
C ALA A 122 26.46 10.94 -4.83
N ASN A 123 25.79 9.83 -4.47
CA ASN A 123 24.72 9.29 -5.29
C ASN A 123 23.37 9.29 -4.60
N ALA A 124 23.33 9.41 -3.27
CA ALA A 124 22.05 9.46 -2.56
C ALA A 124 21.23 10.68 -2.97
N VAL A 125 21.89 11.82 -3.16
CA VAL A 125 21.18 13.03 -3.56
C VAL A 125 20.53 12.85 -4.93
N ASP A 126 21.29 12.30 -5.88
CA ASP A 126 20.76 12.07 -7.22
C ASP A 126 19.65 11.03 -7.21
N LEU A 127 19.71 10.07 -6.28
CA LEU A 127 18.62 9.10 -6.18
C LEU A 127 17.37 9.73 -5.58
N LEU A 128 17.55 10.61 -4.59
CA LEU A 128 16.42 11.28 -3.96
C LEU A 128 15.69 12.20 -4.93
N GLN A 129 16.46 12.92 -5.76
CA GLN A 129 15.85 13.87 -6.68
C GLN A 129 14.90 13.19 -7.64
N GLN A 130 15.36 12.11 -8.29
CA GLN A 130 14.55 11.46 -9.31
C GLN A 130 13.27 10.87 -8.76
N GLY A 131 13.16 10.72 -7.45
CA GLY A 131 11.92 10.27 -6.85
C GLY A 131 11.02 11.42 -6.46
N ILE A 132 11.57 12.40 -5.74
CA ILE A 132 10.73 13.48 -5.22
C ILE A 132 10.17 14.32 -6.35
N GLU A 133 11.01 14.66 -7.35
CA GLU A 133 10.54 15.51 -8.43
C GLU A 133 9.41 14.84 -9.22
N LEU A 134 9.56 13.55 -9.51
CA LEU A 134 8.52 12.83 -10.24
C LEU A 134 7.25 12.71 -9.42
N TYR A 135 7.38 12.47 -8.11
CA TYR A 135 6.20 12.39 -7.26
C TYR A 135 5.40 13.70 -7.30
N MET A 136 6.10 14.84 -7.22
CA MET A 136 5.37 16.10 -7.24
C MET A 136 4.90 16.48 -8.64
N LEU A 137 5.59 16.05 -9.69
CA LEU A 137 5.02 16.17 -11.03
C LEU A 137 3.68 15.47 -11.11
N ASP A 138 3.60 14.25 -10.59
CA ASP A 138 2.31 13.54 -10.59
C ASP A 138 1.26 14.27 -9.76
N LEU A 139 1.65 14.76 -8.59
CA LEU A 139 0.69 15.45 -7.72
C LEU A 139 0.12 16.68 -8.39
N MET A 140 0.98 17.52 -8.98
CA MET A 140 0.48 18.73 -9.63
C MET A 140 -0.29 18.40 -10.91
N LYS A 141 0.06 17.32 -11.61
CA LYS A 141 -0.75 16.92 -12.75
C LYS A 141 -2.17 16.59 -12.32
N ASN A 142 -2.31 15.83 -11.23
CA ASN A 142 -3.64 15.50 -10.72
C ASN A 142 -4.38 16.75 -10.25
N ALA A 143 -3.69 17.66 -9.56
CA ALA A 143 -4.34 18.88 -9.09
C ALA A 143 -4.83 19.74 -10.24
N ALA A 144 -4.02 19.87 -11.30
CA ALA A 144 -4.45 20.65 -12.46
C ALA A 144 -5.62 20.00 -13.16
N LEU A 145 -5.62 18.66 -13.25
CA LEU A 145 -6.77 17.96 -13.83
C LEU A 145 -8.03 18.25 -13.02
N ALA A 146 -7.91 18.26 -11.69
CA ALA A 146 -9.07 18.58 -10.85
C ALA A 146 -9.53 20.02 -11.06
N ALA A 147 -8.57 20.95 -11.21
CA ALA A 147 -8.93 22.34 -11.40
C ALA A 147 -9.66 22.57 -12.72
N LYS A 148 -9.23 21.86 -13.77
CA LYS A 148 -9.89 22.02 -15.07
C LYS A 148 -11.37 21.61 -14.99
N GLN A 149 -11.67 20.55 -14.22
CA GLN A 149 -13.03 20.04 -14.15
C GLN A 149 -14.02 21.09 -13.66
N ALA A 150 -13.59 21.97 -12.76
CA ALA A 150 -14.46 23.00 -12.20
C ALA A 150 -14.69 24.16 -13.16
N LYS A 151 -14.36 24.01 -14.44
CA LYS A 151 -14.52 25.07 -15.44
C LYS A 151 -13.72 26.31 -15.06
N ARG A 152 -12.55 26.10 -14.48
CA ARG A 152 -11.66 27.17 -14.06
C ARG A 152 -10.30 26.95 -14.69
N MET A 153 -9.83 27.96 -15.44
CA MET A 153 -8.63 27.79 -16.25
C MET A 153 -7.37 27.78 -15.40
N THR A 154 -7.29 28.64 -14.40
CA THR A 154 -6.07 28.79 -13.61
C THR A 154 -5.98 27.65 -12.59
N LEU A 155 -4.98 27.73 -11.71
CA LEU A 155 -4.75 26.72 -10.68
C LEU A 155 -4.66 27.43 -9.34
N MET A 156 -5.39 26.94 -8.35
CA MET A 156 -5.42 27.54 -7.02
C MET A 156 -4.97 26.54 -5.98
N GLY A 157 -4.54 27.07 -4.83
CA GLY A 157 -4.01 26.23 -3.78
C GLY A 157 -5.04 25.29 -3.17
N LYS A 158 -6.28 25.77 -3.11
CA LYS A 158 -7.38 24.96 -2.50
C LYS A 158 -7.69 23.77 -3.40
N ASP A 159 -6.98 23.64 -4.52
CA ASP A 159 -7.19 22.43 -5.36
C ASP A 159 -6.24 21.35 -4.84
N ILE A 160 -5.08 21.76 -4.34
CA ILE A 160 -4.09 20.77 -3.84
C ILE A 160 -4.67 20.06 -2.61
N ASP A 161 -5.16 20.83 -1.62
CA ASP A 161 -5.68 20.24 -0.40
C ASP A 161 -6.74 19.18 -0.71
N LEU A 162 -7.60 19.46 -1.69
CA LEU A 162 -8.62 18.47 -2.05
C LEU A 162 -7.98 17.18 -2.54
N ILE A 163 -6.96 17.28 -3.39
CA ILE A 163 -6.31 16.07 -3.89
C ILE A 163 -5.60 15.34 -2.74
N GLN A 164 -4.92 16.10 -1.87
CA GLN A 164 -4.19 15.51 -0.76
C GLN A 164 -5.12 14.76 0.18
N THR A 165 -6.27 15.33 0.50
CA THR A 165 -7.24 14.64 1.35
C THR A 165 -8.00 13.55 0.61
N ALA A 166 -8.05 13.58 -0.72
CA ALA A 166 -8.62 12.48 -1.48
C ALA A 166 -7.69 11.29 -1.54
N ASN A 167 -6.38 11.50 -1.39
CA ASN A 167 -5.42 10.40 -1.34
C ASN A 167 -5.19 9.90 0.08
N HIS A 168 -5.92 10.42 1.06
CA HIS A 168 -5.78 10.06 2.47
C HIS A 168 -4.38 10.34 3.01
N GLU A 169 -3.60 11.17 2.30
CA GLU A 169 -2.25 11.48 2.74
C GLU A 169 -2.28 12.45 3.91
N MET A 170 -2.24 11.93 5.13
CA MET A 170 -2.27 12.78 6.31
C MET A 170 -1.02 13.65 6.38
N ILE A 171 -1.21 14.91 6.79
CA ILE A 171 -0.12 15.88 6.85
C ILE A 171 -0.24 16.66 8.16
N ASP A 172 0.89 17.27 8.54
CA ASP A 172 0.94 18.15 9.70
C ASP A 172 1.31 19.55 9.23
N GLU A 173 0.53 20.54 9.65
CA GLU A 173 0.69 21.89 9.15
C GLU A 173 1.65 22.72 10.00
N ALA A 174 1.58 22.60 11.33
CA ALA A 174 2.47 23.37 12.19
C ALA A 174 3.92 22.99 11.95
N HIS A 175 4.20 21.68 11.85
CA HIS A 175 5.58 21.24 11.61
C HIS A 175 6.08 21.69 10.25
N ALA A 176 5.23 21.60 9.22
CA ALA A 176 5.64 22.04 7.89
C ALA A 176 5.92 23.55 7.87
N ALA A 177 5.08 24.33 8.54
CA ALA A 177 5.31 25.76 8.62
C ALA A 177 6.59 26.08 9.36
N LYS A 178 6.87 25.35 10.45
CA LYS A 178 8.11 25.58 11.19
C LYS A 178 9.32 25.20 10.35
N LEU A 179 9.21 24.12 9.58
CA LEU A 179 10.30 23.70 8.71
C LEU A 179 10.59 24.75 7.65
N ALA A 180 9.56 25.17 6.92
CA ALA A 180 9.75 26.09 5.79
C ALA A 180 10.16 27.48 6.27
N ASN A 181 9.48 27.99 7.30
CA ASN A 181 9.68 29.39 7.68
C ASN A 181 11.05 29.61 8.32
N THR A 182 11.43 28.77 9.28
CA THR A 182 12.60 29.03 10.12
C THR A 182 13.68 27.98 9.84
N SER A 183 14.77 28.42 9.24
CA SER A 183 15.99 27.64 9.07
C SER A 183 17.05 28.57 8.48
N SER A 184 18.24 28.02 8.23
CA SER A 184 19.34 28.82 7.71
C SER A 184 19.95 28.19 6.47
N ALA A 185 19.84 26.86 6.35
CA ALA A 185 20.46 26.11 5.26
C ALA A 185 21.96 26.38 5.20
N GLY A 186 22.36 27.31 4.33
CA GLY A 186 23.75 27.71 4.23
C GLY A 186 24.67 26.60 3.78
N LYS B 45 17.29 38.50 7.93
CA LYS B 45 17.60 39.07 6.59
C LYS B 45 17.62 37.93 5.56
N HIS B 46 18.59 37.95 4.64
CA HIS B 46 18.71 36.88 3.62
C HIS B 46 18.83 35.57 4.39
N ILE B 47 19.99 35.32 5.02
CA ILE B 47 20.23 34.07 5.81
C ILE B 47 19.73 32.85 5.03
N LYS B 48 19.80 32.91 3.70
CA LYS B 48 19.26 31.82 2.86
C LYS B 48 18.05 31.04 3.41
N ASN B 49 16.99 31.72 3.78
CA ASN B 49 15.93 31.24 4.70
C ASN B 49 15.54 29.96 3.95
N LEU B 50 15.00 28.97 4.65
CA LEU B 50 14.72 27.67 3.99
C LEU B 50 13.46 27.73 3.13
N GLY B 51 13.37 26.87 2.12
CA GLY B 51 12.19 26.78 1.28
C GLY B 51 12.19 27.74 0.10
N GLU B 52 12.83 28.90 0.23
CA GLU B 52 12.94 29.81 -0.89
C GLU B 52 13.95 29.34 -1.92
N GLU B 53 14.90 28.48 -1.53
CA GLU B 53 15.84 27.93 -2.50
C GLU B 53 15.12 27.09 -3.54
N ILE B 54 13.90 26.67 -3.26
CA ILE B 54 12.99 26.18 -4.31
C ILE B 54 12.21 27.41 -4.77
N GLY B 55 12.83 28.15 -5.68
CA GLY B 55 12.28 29.43 -6.09
C GLY B 55 10.98 29.29 -6.86
N ASN B 56 10.40 30.44 -7.19
CA ASN B 56 9.15 30.46 -7.94
C ASN B 56 9.32 29.81 -9.31
N SER B 57 10.53 29.88 -9.87
CA SER B 57 10.78 29.27 -11.17
C SER B 57 10.59 27.76 -11.13
N ALA B 58 11.03 27.12 -10.04
CA ALA B 58 10.85 25.67 -9.94
C ALA B 58 9.37 25.30 -9.90
N VAL B 59 8.57 26.02 -9.13
CA VAL B 59 7.14 25.74 -9.06
C VAL B 59 6.49 25.96 -10.42
N ARG B 60 6.85 27.06 -11.09
CA ARG B 60 6.28 27.34 -12.40
C ARG B 60 6.65 26.27 -13.40
N LYS B 61 7.90 25.81 -13.38
CA LYS B 61 8.33 24.75 -14.29
C LYS B 61 7.59 23.45 -14.00
N THR B 62 7.40 23.12 -12.72
CA THR B 62 6.67 21.92 -12.37
C THR B 62 5.22 21.99 -12.87
N VAL B 63 4.59 23.14 -12.70
CA VAL B 63 3.20 23.28 -13.13
C VAL B 63 3.08 23.23 -14.65
N LEU B 64 3.98 23.90 -15.35
CA LEU B 64 3.94 23.96 -16.81
C LEU B 64 4.54 22.74 -17.47
N ARG B 65 5.14 21.83 -16.70
CA ARG B 65 5.72 20.63 -17.28
C ARG B 65 4.65 19.77 -17.94
N THR B 66 3.50 19.63 -17.28
CA THR B 66 2.32 19.09 -17.93
C THR B 66 1.68 20.15 -18.82
N GLY B 67 0.79 19.72 -19.70
CA GLY B 67 0.22 20.62 -20.68
C GLY B 67 -1.28 20.81 -20.59
N VAL B 68 -1.83 20.91 -19.38
CA VAL B 68 -3.25 21.09 -19.21
C VAL B 68 -3.62 22.44 -18.61
N VAL B 69 -2.78 23.02 -17.74
CA VAL B 69 -3.07 24.29 -17.10
C VAL B 69 -1.84 25.18 -17.22
N PHE B 70 -2.03 26.37 -17.78
CA PHE B 70 -0.93 27.30 -18.05
C PHE B 70 -0.94 28.52 -17.14
N ARG B 71 -1.78 28.52 -16.11
CA ARG B 71 -1.87 29.64 -15.17
C ARG B 71 -1.77 29.11 -13.75
N LEU B 72 -1.42 30.00 -12.83
CA LEU B 72 -1.39 29.64 -11.42
C LEU B 72 -1.52 30.91 -10.59
N ASP B 73 -2.37 30.86 -9.57
CA ASP B 73 -2.64 32.01 -8.72
C ASP B 73 -1.52 32.17 -7.69
N LYS B 74 -1.74 33.04 -6.72
CA LYS B 74 -0.73 33.33 -5.71
C LYS B 74 -0.78 32.40 -4.51
N THR B 75 -1.81 31.56 -4.41
CA THR B 75 -1.89 30.62 -3.29
C THR B 75 -1.07 29.36 -3.51
N VAL B 76 -0.69 29.06 -4.75
CA VAL B 76 -0.05 27.79 -5.06
C VAL B 76 1.37 27.75 -4.48
N ARG B 77 2.13 28.83 -4.67
CA ARG B 77 3.54 28.82 -4.26
C ARG B 77 3.73 28.54 -2.78
N PRO B 78 3.03 29.21 -1.85
CA PRO B 78 3.24 28.88 -0.43
C PRO B 78 2.81 27.48 -0.04
N LYS B 79 2.00 26.81 -0.87
CA LYS B 79 1.56 25.45 -0.56
C LYS B 79 2.51 24.38 -1.09
N PHE B 80 3.12 24.63 -2.25
CA PHE B 80 4.04 23.65 -2.83
C PHE B 80 5.23 23.40 -1.91
N HIS B 81 5.78 24.46 -1.31
CA HIS B 81 6.96 24.32 -0.47
C HIS B 81 6.66 23.45 0.75
N LYS B 82 5.51 23.70 1.38
CA LYS B 82 5.15 22.94 2.61
C LYS B 82 4.74 21.52 2.25
N VAL B 83 4.20 21.33 1.05
CA VAL B 83 3.90 19.97 0.61
C VAL B 83 5.19 19.19 0.40
N MET B 84 6.20 19.84 -0.18
CA MET B 84 7.47 19.16 -0.46
C MET B 84 8.26 18.85 0.81
N LEU B 85 8.38 19.83 1.70
CA LEU B 85 9.33 19.70 2.80
C LEU B 85 8.94 18.58 3.76
N SER B 86 7.64 18.41 4.02
CA SER B 86 7.21 17.34 4.91
C SER B 86 7.59 15.97 4.35
N LYS B 87 7.32 15.76 3.06
CA LYS B 87 7.69 14.49 2.44
C LYS B 87 9.20 14.29 2.44
N LEU B 88 9.97 15.34 2.15
CA LEU B 88 11.42 15.21 2.14
C LEU B 88 11.94 14.84 3.52
N TYR B 89 11.40 15.47 4.57
CA TYR B 89 11.79 15.13 5.93
C TYR B 89 11.44 13.68 6.27
N GLU B 90 10.22 13.27 5.93
CA GLU B 90 9.76 11.92 6.27
C GLU B 90 10.47 10.85 5.46
N ALA B 91 11.11 11.22 4.34
CA ALA B 91 11.85 10.26 3.54
C ALA B 91 13.35 10.32 3.79
N VAL B 92 13.85 11.38 4.41
CA VAL B 92 15.27 11.51 4.72
C VAL B 92 15.59 11.02 6.12
N ASN B 93 14.76 11.36 7.11
CA ASN B 93 15.05 10.91 8.47
C ASN B 93 14.94 9.40 8.62
N ILE B 94 14.08 8.74 7.84
CA ILE B 94 14.00 7.29 7.88
C ILE B 94 15.32 6.67 7.43
N ALA B 95 15.87 7.15 6.32
CA ALA B 95 17.17 6.68 5.86
C ALA B 95 18.29 7.02 6.84
N LYS B 96 18.22 8.19 7.48
CA LYS B 96 19.22 8.51 8.49
C LYS B 96 19.17 7.53 9.66
N LEU B 97 17.96 7.20 10.12
CA LEU B 97 17.84 6.23 11.21
C LEU B 97 18.36 4.86 10.79
N ALA B 98 18.02 4.42 9.58
CA ALA B 98 18.50 3.13 9.09
C ALA B 98 20.02 3.11 8.92
N ALA B 99 20.61 4.26 8.58
CA ALA B 99 22.07 4.33 8.46
C ALA B 99 22.75 4.35 9.82
N LYS B 100 22.12 4.98 10.82
CA LYS B 100 22.70 5.01 12.15
C LYS B 100 22.56 3.68 12.87
N HIS B 101 21.50 2.91 12.58
CA HIS B 101 21.30 1.64 13.26
C HIS B 101 22.36 0.61 12.92
N SER B 102 23.01 0.73 11.78
CA SER B 102 23.98 -0.25 11.30
C SER B 102 25.42 0.21 11.54
N GLY B 103 25.68 0.86 12.67
CA GLY B 103 26.94 1.53 12.82
C GLY B 103 27.01 2.71 11.88
N ARG B 104 28.22 2.99 11.39
CA ARG B 104 28.43 3.99 10.34
C ARG B 104 28.04 5.40 10.77
N SER B 105 28.42 6.38 9.95
CA SER B 105 27.94 7.75 10.12
C SER B 105 27.63 8.41 8.79
N THR B 106 27.58 7.66 7.69
CA THR B 106 27.34 8.20 6.37
C THR B 106 26.23 7.42 5.69
N ILE B 107 25.49 8.10 4.81
CA ILE B 107 24.32 7.54 4.16
C ILE B 107 24.73 7.03 2.78
N GLN B 108 24.29 5.83 2.45
CA GLN B 108 24.62 5.16 1.21
C GLN B 108 23.38 5.02 0.33
N PRO B 109 23.56 4.64 -0.95
CA PRO B 109 22.38 4.48 -1.83
C PRO B 109 21.37 3.48 -1.34
N LYS B 110 21.78 2.38 -0.71
CA LYS B 110 20.81 1.39 -0.28
C LYS B 110 19.90 1.93 0.82
N ASP B 111 20.42 2.77 1.70
CA ASP B 111 19.59 3.35 2.77
C ASP B 111 18.48 4.21 2.19
N VAL B 112 18.82 5.09 1.25
CA VAL B 112 17.78 5.95 0.67
C VAL B 112 16.85 5.15 -0.22
N ARG B 113 17.36 4.10 -0.87
CA ARG B 113 16.48 3.23 -1.67
C ARG B 113 15.50 2.47 -0.78
N LEU B 114 15.89 2.18 0.46
CA LEU B 114 14.96 1.59 1.41
C LEU B 114 13.98 2.63 1.94
N GLY B 115 14.47 3.83 2.21
CA GLY B 115 13.60 4.88 2.72
C GLY B 115 12.52 5.28 1.73
N LEU B 116 12.88 5.35 0.44
CA LEU B 116 11.88 5.67 -0.58
C LEU B 116 10.79 4.61 -0.65
N LYS B 117 11.18 3.33 -0.57
CA LYS B 117 10.18 2.26 -0.55
C LYS B 117 9.29 2.36 0.68
N LEU B 118 9.89 2.64 1.85
CA LEU B 118 9.12 2.75 3.07
C LEU B 118 8.20 3.96 3.09
N ALA B 119 8.53 5.01 2.33
CA ALA B 119 7.73 6.23 2.29
C ALA B 119 6.55 6.13 1.35
N SER B 120 6.17 4.91 0.96
CA SER B 120 5.00 4.66 0.11
C SER B 120 5.14 5.33 -1.26
N ILE B 121 6.36 5.51 -1.74
CA ILE B 121 6.63 6.02 -3.08
C ILE B 121 7.53 5.02 -3.79
N LYS B 122 7.02 4.42 -4.86
CA LYS B 122 7.77 3.42 -5.58
C LYS B 122 8.78 4.07 -6.52
N LEU B 123 9.76 3.29 -6.93
CA LEU B 123 10.87 3.75 -7.74
C LEU B 123 10.85 3.04 -9.09
N LEU B 124 11.95 3.19 -9.84
CA LEU B 124 12.02 2.70 -11.21
C LEU B 124 11.59 1.24 -11.31
N ALA B 125 10.83 0.93 -12.34
CA ALA B 125 10.30 -0.41 -12.56
C ALA B 125 9.88 -0.58 -14.02
N ASN C 92 9.98 -21.67 40.48
CA ASN C 92 9.50 -21.33 39.15
C ASN C 92 9.30 -19.83 39.00
N VAL C 93 9.50 -19.34 37.77
CA VAL C 93 9.15 -17.97 37.41
C VAL C 93 8.07 -18.03 36.34
N LYS C 94 7.19 -19.04 36.43
CA LYS C 94 6.07 -19.16 35.50
C LYS C 94 5.31 -17.84 35.37
N ARG C 95 5.30 -17.03 36.44
CA ARG C 95 4.76 -15.67 36.37
C ARG C 95 5.77 -14.74 35.68
N ALA C 96 6.09 -15.09 34.43
CA ALA C 96 6.92 -14.20 33.61
C ALA C 96 6.25 -12.86 33.41
N ASN C 97 4.92 -12.84 33.42
CA ASN C 97 4.20 -11.56 33.46
C ASN C 97 4.55 -10.79 34.71
N GLU C 98 4.62 -11.47 35.85
CA GLU C 98 5.10 -10.83 37.07
C GLU C 98 6.60 -10.57 37.02
N ARG C 99 7.36 -11.42 36.32
CA ARG C 99 8.80 -11.22 36.20
C ARG C 99 9.11 -9.90 35.50
N ALA C 100 8.41 -9.61 34.41
CA ALA C 100 8.62 -8.37 33.67
C ALA C 100 7.57 -7.32 33.99
N GLY C 101 6.65 -7.60 34.93
CA GLY C 101 5.62 -6.64 35.25
C GLY C 101 4.54 -6.50 34.22
N LEU C 102 4.36 -7.50 33.35
CA LEU C 102 3.36 -7.44 32.30
C LEU C 102 2.08 -8.14 32.74
N LYS C 103 1.10 -8.19 31.83
CA LYS C 103 -0.13 -8.93 32.04
C LYS C 103 -0.32 -10.00 30.99
N LEU C 104 -0.17 -9.67 29.71
CA LEU C 104 -0.28 -10.68 28.66
C LEU C 104 0.94 -11.60 28.70
N PRO C 105 0.78 -12.84 28.22
CA PRO C 105 1.91 -13.77 28.21
C PRO C 105 2.86 -13.47 27.06
N PRO C 106 4.15 -13.24 27.35
CA PRO C 106 5.10 -12.97 26.27
C PRO C 106 5.22 -14.09 25.26
N GLY C 107 4.98 -15.34 25.67
CA GLY C 107 5.13 -16.46 24.73
C GLY C 107 4.14 -16.38 23.59
N ARG C 108 2.91 -15.97 23.87
CA ARG C 108 1.91 -15.87 22.81
C ARG C 108 2.26 -14.76 21.82
N ILE C 109 2.84 -13.66 22.31
CA ILE C 109 3.27 -12.61 21.41
C ILE C 109 4.49 -13.06 20.61
N GLN C 110 5.35 -13.89 21.20
CA GLN C 110 6.49 -14.43 20.45
C GLN C 110 6.03 -15.39 19.37
N LYS C 111 4.94 -16.11 19.61
CA LYS C 111 4.41 -17.02 18.61
C LYS C 111 4.04 -16.28 17.33
N ILE C 112 3.49 -15.07 17.45
CA ILE C 112 3.13 -14.30 16.26
C ILE C 112 4.32 -13.48 15.77
N ILE C 113 5.26 -13.13 16.65
CA ILE C 113 6.50 -12.50 16.22
C ILE C 113 7.24 -13.40 15.24
N LYS C 114 7.36 -14.69 15.59
CA LYS C 114 8.12 -15.63 14.78
C LYS C 114 7.43 -15.96 13.46
N ALA C 115 6.15 -15.63 13.33
CA ALA C 115 5.43 -15.98 12.11
C ALA C 115 5.92 -15.20 10.89
N ASN C 116 6.58 -14.07 11.09
CA ASN C 116 7.12 -13.25 10.01
C ASN C 116 8.60 -12.99 10.29
N GLN C 117 9.46 -13.91 9.84
CA GLN C 117 10.89 -13.75 9.98
C GLN C 117 11.64 -13.85 8.66
N THR C 118 10.94 -14.16 7.56
CA THR C 118 11.46 -14.09 6.18
C THR C 118 12.77 -14.86 5.99
N THR C 119 13.07 -15.79 6.91
CA THR C 119 14.29 -16.59 6.92
C THR C 119 15.51 -15.68 6.92
N ASP C 120 16.71 -16.27 6.86
CA ASP C 120 17.98 -15.49 6.86
C ASP C 120 18.20 -14.83 8.22
N VAL C 121 17.21 -14.89 9.12
CA VAL C 121 17.34 -14.25 10.42
C VAL C 121 17.31 -15.32 11.51
N GLY C 122 16.18 -16.00 11.66
CA GLY C 122 16.08 -17.01 12.70
C GLY C 122 16.33 -16.39 14.08
N ARG C 123 16.94 -17.20 14.95
CA ARG C 123 17.42 -16.74 16.26
C ARG C 123 16.30 -16.11 17.08
N SER C 124 16.15 -14.78 16.98
CA SER C 124 15.08 -14.06 17.66
C SER C 124 15.13 -14.20 19.17
N SER C 125 16.16 -13.61 19.79
CA SER C 125 16.38 -13.57 21.23
C SER C 125 15.10 -13.26 22.00
N PRO C 126 14.94 -13.81 23.21
CA PRO C 126 13.67 -13.64 23.94
C PRO C 126 13.45 -12.25 24.50
N THR C 127 14.40 -11.33 24.36
CA THR C 127 14.21 -9.97 24.82
C THR C 127 13.35 -9.15 23.87
N ALA C 128 13.04 -9.67 22.69
CA ALA C 128 12.20 -8.95 21.74
C ALA C 128 10.73 -8.98 22.14
N SER C 129 10.28 -10.05 22.81
CA SER C 129 8.87 -10.18 23.13
C SER C 129 8.47 -9.27 24.29
N VAL C 130 9.32 -9.08 25.28
CA VAL C 130 8.95 -8.32 26.48
C VAL C 130 8.69 -6.86 26.11
N PHE C 131 9.58 -6.27 25.32
CA PHE C 131 9.44 -4.87 24.92
C PHE C 131 8.14 -4.65 24.15
N LEU C 132 7.91 -5.48 23.14
CA LEU C 132 6.70 -5.36 22.33
C LEU C 132 5.45 -5.57 23.17
N THR C 133 5.47 -6.56 24.07
CA THR C 133 4.31 -6.82 24.91
C THR C 133 4.01 -5.64 25.82
N ALA C 134 5.05 -5.04 26.40
CA ALA C 134 4.83 -3.87 27.25
C ALA C 134 4.21 -2.72 26.46
N VAL C 135 4.72 -2.45 25.27
CA VAL C 135 4.18 -1.36 24.47
C VAL C 135 2.72 -1.62 24.11
N ILE C 136 2.42 -2.83 23.65
CA ILE C 136 1.05 -3.16 23.25
C ILE C 136 0.13 -3.11 24.45
N GLU C 137 0.59 -3.57 25.61
CA GLU C 137 -0.23 -3.52 26.82
C GLU C 137 -0.57 -2.09 27.20
N ASP C 138 0.42 -1.19 27.14
CA ASP C 138 0.14 0.21 27.44
C ASP C 138 -0.89 0.78 26.46
N ILE C 139 -0.74 0.48 25.17
CA ILE C 139 -1.67 1.01 24.17
C ILE C 139 -3.09 0.52 24.45
N VAL C 140 -3.25 -0.79 24.66
CA VAL C 140 -4.58 -1.36 24.84
C VAL C 140 -5.19 -0.88 26.15
N LYS C 141 -4.39 -0.76 27.21
CA LYS C 141 -4.90 -0.26 28.47
C LYS C 141 -5.41 1.16 28.34
N GLU C 142 -4.66 2.03 27.65
CA GLU C 142 -5.13 3.40 27.46
C GLU C 142 -6.43 3.43 26.66
N ILE C 143 -6.50 2.64 25.57
CA ILE C 143 -7.70 2.63 24.75
C ILE C 143 -8.91 2.19 25.57
N ILE C 144 -8.75 1.11 26.33
CA ILE C 144 -9.87 0.59 27.12
C ILE C 144 -10.30 1.60 28.17
N LYS C 145 -9.34 2.21 28.87
CA LYS C 145 -9.69 3.17 29.91
C LYS C 145 -10.46 4.36 29.32
N GLY C 146 -10.00 4.89 28.20
CA GLY C 146 -10.71 6.00 27.58
C GLY C 146 -12.10 5.62 27.10
N ALA C 147 -12.22 4.47 26.44
CA ALA C 147 -13.51 4.05 25.95
C ALA C 147 -14.49 3.80 27.10
N ASP C 148 -14.01 3.25 28.21
CA ASP C 148 -14.86 3.06 29.38
C ASP C 148 -15.30 4.40 29.96
N LYS C 149 -14.38 5.35 30.07
CA LYS C 149 -14.75 6.65 30.63
C LYS C 149 -15.79 7.34 29.75
N LYS C 150 -15.70 7.17 28.44
CA LYS C 150 -16.58 7.92 27.55
C LYS C 150 -17.84 7.16 27.17
N SER C 151 -17.93 5.87 27.47
CA SER C 151 -19.16 5.13 27.18
C SER C 151 -20.27 5.43 28.17
N GLU C 152 -19.92 5.73 29.42
CA GLU C 152 -20.92 5.95 30.45
C GLU C 152 -21.74 7.22 30.20
N GLU C 153 -21.26 8.13 29.34
CA GLU C 153 -22.02 9.34 29.05
C GLU C 153 -23.31 8.99 28.32
N ARG C 154 -23.28 8.00 27.43
CA ARG C 154 -24.50 7.47 26.84
C ARG C 154 -25.25 6.56 27.80
N GLY C 155 -24.57 6.06 28.82
CA GLY C 155 -25.12 5.08 29.73
C GLY C 155 -24.45 3.73 29.57
N ARG C 156 -25.15 2.70 30.04
CA ARG C 156 -24.77 1.31 29.82
C ARG C 156 -23.45 0.96 30.52
N ILE C 157 -23.12 -0.32 30.55
CA ILE C 157 -21.90 -0.79 31.20
C ILE C 157 -21.11 -1.65 30.22
N ARG C 158 -21.22 -1.35 28.93
CA ARG C 158 -20.62 -2.17 27.89
C ARG C 158 -19.71 -1.35 27.00
N ILE C 159 -18.78 -2.03 26.35
CA ILE C 159 -17.93 -1.47 25.30
C ILE C 159 -18.26 -2.18 24.00
N SER C 160 -18.61 -1.41 22.98
CA SER C 160 -19.08 -1.92 21.71
C SER C 160 -18.30 -1.23 20.60
N PRO C 161 -18.31 -1.80 19.39
CA PRO C 161 -17.59 -1.14 18.28
C PRO C 161 -18.04 0.29 18.03
N GLN C 162 -19.31 0.61 18.28
CA GLN C 162 -19.76 2.00 18.14
C GLN C 162 -19.06 2.90 19.15
N ASP C 163 -18.78 2.39 20.35
CA ASP C 163 -18.11 3.17 21.38
C ASP C 163 -16.60 3.20 21.22
N ILE C 164 -16.05 2.50 20.23
CA ILE C 164 -14.62 2.50 19.97
C ILE C 164 -14.28 3.26 18.70
N LEU C 165 -14.98 2.96 17.60
CA LEU C 165 -14.74 3.64 16.33
C LEU C 165 -14.95 5.14 16.48
N LYS C 166 -16.17 5.55 16.79
CA LYS C 166 -16.46 6.94 17.03
C LYS C 166 -16.18 7.25 18.50
N TYR C 167 -16.59 8.44 18.96
CA TYR C 167 -16.46 8.82 20.36
C TYR C 167 -15.01 8.96 20.78
N LEU C 168 -14.29 7.83 20.88
CA LEU C 168 -12.94 7.87 21.42
C LEU C 168 -11.87 7.98 20.34
N THR C 169 -11.89 7.08 19.34
CA THR C 169 -10.77 7.11 18.36
C THR C 169 -10.78 8.45 17.59
N GLU C 170 -11.95 8.99 17.26
CA GLU C 170 -11.94 10.31 16.63
C GLU C 170 -11.57 11.42 17.61
N ASN C 171 -11.58 11.13 18.91
CA ASN C 171 -11.12 12.09 19.92
C ASN C 171 -9.66 11.84 20.28
N GLY C 172 -9.33 10.60 20.66
CA GLY C 172 -7.95 10.22 20.92
C GLY C 172 -7.28 9.67 19.68
N GLU C 173 -7.01 10.54 18.70
CA GLU C 173 -6.46 10.10 17.42
C GLU C 173 -4.99 9.70 17.50
N ALA C 174 -4.33 9.96 18.63
CA ALA C 174 -2.90 9.65 18.73
C ALA C 174 -2.65 8.15 18.55
N TYR C 175 -3.46 7.31 19.18
CA TYR C 175 -3.37 5.87 19.00
C TYR C 175 -4.15 5.40 17.79
N MET C 176 -4.85 6.29 17.11
CA MET C 176 -5.61 5.93 15.92
C MET C 176 -4.72 5.99 14.69
N HIS C 177 -3.91 7.06 14.58
CA HIS C 177 -3.09 7.25 13.39
C HIS C 177 -2.06 6.14 13.22
N ILE C 178 -1.59 5.55 14.32
CA ILE C 178 -0.56 4.51 14.23
C ILE C 178 -1.09 3.30 13.47
N LEU C 179 -2.40 3.14 13.40
CA LEU C 179 -3.08 2.10 12.64
C LEU C 179 -4.08 2.72 11.68
N GLY C 180 -3.62 3.72 10.93
CA GLY C 180 -4.47 4.66 10.22
C GLY C 180 -5.65 4.13 9.44
N ASP C 181 -5.64 2.83 9.11
CA ASP C 181 -6.74 2.21 8.37
C ASP C 181 -7.76 1.65 9.37
N ALA C 182 -8.62 2.53 9.87
CA ALA C 182 -9.58 2.11 10.88
C ALA C 182 -10.59 1.09 10.34
N PHE C 183 -11.50 1.54 9.48
CA PHE C 183 -12.49 0.70 8.79
C PHE C 183 -12.95 -0.48 9.65
N VAL C 184 -13.36 -0.18 10.88
CA VAL C 184 -13.42 -1.22 11.91
C VAL C 184 -14.67 -2.08 11.85
N SER C 185 -15.84 -1.50 12.14
CA SER C 185 -16.98 -2.32 12.49
C SER C 185 -18.28 -1.55 12.52
N HIS C 186 -19.33 -2.13 13.11
CA HIS C 186 -20.63 -1.49 13.19
C HIS C 186 -20.52 -0.31 14.15
N GLY C 187 -20.00 0.80 13.64
CA GLY C 187 -19.82 1.98 14.49
C GLY C 187 -20.15 3.27 13.76
N GLY C 188 -20.41 4.36 14.49
CA GLY C 188 -20.67 5.67 13.87
C GLY C 188 -19.39 6.44 13.64
N VAL C 189 -19.48 7.68 13.15
CA VAL C 189 -18.25 8.48 12.84
C VAL C 189 -18.54 9.96 13.07
N LYS D 100 -7.17 -28.70 22.03
CA LYS D 100 -6.59 -28.74 23.36
C LYS D 100 -6.28 -27.35 23.91
N ASN D 101 -5.50 -26.55 23.17
CA ASN D 101 -5.16 -25.21 23.59
C ASN D 101 -5.21 -24.29 22.38
N TYR D 102 -5.40 -22.99 22.64
CA TYR D 102 -5.64 -22.03 21.58
C TYR D 102 -4.78 -20.78 21.82
N ASP D 103 -4.89 -19.84 20.88
CA ASP D 103 -4.15 -18.58 20.92
C ASP D 103 -5.16 -17.44 20.87
N SER D 104 -5.51 -16.91 22.04
CA SER D 104 -6.41 -15.78 22.14
C SER D 104 -6.15 -15.06 23.46
N PHE D 105 -6.43 -13.76 23.48
CA PHE D 105 -6.09 -12.91 24.61
C PHE D 105 -7.32 -12.49 25.42
N ALA D 106 -8.42 -13.23 25.31
CA ALA D 106 -9.67 -12.80 25.94
C ALA D 106 -9.51 -12.64 27.45
N THR D 107 -8.93 -13.65 28.10
CA THR D 107 -8.75 -13.59 29.55
C THR D 107 -7.86 -12.42 29.96
N PHE D 108 -6.76 -12.22 29.24
CA PHE D 108 -5.85 -11.14 29.58
C PHE D 108 -6.41 -9.78 29.19
N ILE D 109 -7.11 -9.71 28.06
CA ILE D 109 -7.72 -8.44 27.64
C ILE D 109 -8.78 -8.00 28.63
N ALA D 110 -9.51 -8.95 29.21
CA ALA D 110 -10.50 -8.63 30.22
C ALA D 110 -9.91 -8.50 31.62
N LYS D 111 -8.61 -8.22 31.74
CA LYS D 111 -7.96 -8.27 33.04
C LYS D 111 -7.10 -7.04 33.34
N LEU D 112 -6.57 -6.38 32.31
CA LEU D 112 -5.53 -5.37 32.54
C LEU D 112 -6.05 -4.22 33.40
N VAL D 113 -7.18 -3.63 33.01
CA VAL D 113 -7.68 -2.44 33.69
C VAL D 113 -8.21 -2.82 35.05
N GLY D 114 -7.74 -2.13 36.09
CA GLY D 114 -8.19 -2.35 37.44
C GLY D 114 -9.62 -1.88 37.62
N PRO D 115 -10.53 -2.82 37.87
CA PRO D 115 -11.95 -2.46 37.99
C PRO D 115 -12.22 -1.63 39.24
N ASN D 116 -13.41 -1.05 39.27
CA ASN D 116 -13.88 -0.23 40.39
C ASN D 116 -12.95 0.95 40.63
N GLY D 117 -12.60 1.66 39.56
CA GLY D 117 -11.90 2.92 39.71
C GLY D 117 -12.72 3.94 40.47
N LYS D 118 -14.01 4.03 40.15
CA LYS D 118 -14.97 4.75 40.97
C LYS D 118 -16.13 3.87 41.41
N GLY D 119 -16.22 2.64 40.91
CA GLY D 119 -17.31 1.75 41.22
C GLY D 119 -17.88 1.08 39.99
N ARG D 120 -17.19 1.22 38.86
CA ARG D 120 -17.66 0.70 37.58
C ARG D 120 -16.61 -0.28 37.03
N LYS D 121 -16.88 -1.58 37.18
CA LYS D 121 -16.02 -2.57 36.60
C LYS D 121 -16.17 -2.59 35.08
N PRO D 122 -15.08 -2.62 34.32
CA PRO D 122 -15.17 -2.61 32.86
C PRO D 122 -15.94 -3.79 32.29
N GLY D 123 -17.12 -3.53 31.74
CA GLY D 123 -17.83 -4.55 31.00
C GLY D 123 -17.29 -4.68 29.59
N PHE D 124 -17.74 -5.71 28.90
CA PHE D 124 -17.27 -5.97 27.54
C PHE D 124 -18.33 -6.74 26.77
N SER D 125 -18.61 -6.27 25.57
CA SER D 125 -19.57 -6.96 24.72
C SER D 125 -18.87 -8.10 23.97
N ALA D 126 -19.64 -8.80 23.15
CA ALA D 126 -19.07 -9.87 22.34
C ALA D 126 -18.22 -9.31 21.20
N LYS D 127 -18.66 -8.21 20.59
CA LYS D 127 -17.94 -7.62 19.47
C LYS D 127 -16.81 -6.70 19.90
N GLY D 128 -16.73 -6.34 21.19
CA GLY D 128 -15.57 -5.61 21.66
C GLY D 128 -14.31 -6.45 21.64
N MET D 129 -14.43 -7.74 21.98
CA MET D 129 -13.28 -8.63 21.98
C MET D 129 -12.67 -8.75 20.59
N GLU D 130 -13.50 -8.83 19.55
CA GLU D 130 -12.97 -9.01 18.21
C GLU D 130 -12.06 -7.86 17.82
N VAL D 131 -12.50 -6.62 18.05
CA VAL D 131 -11.67 -5.48 17.70
C VAL D 131 -10.47 -5.37 18.63
N LEU D 132 -10.66 -5.64 19.93
CA LEU D 132 -9.54 -5.52 20.86
C LEU D 132 -8.48 -6.59 20.64
N GLU D 133 -8.80 -7.69 19.96
CA GLU D 133 -7.78 -8.65 19.58
C GLU D 133 -7.20 -8.35 18.21
N SER D 134 -8.02 -7.85 17.29
CA SER D 134 -7.51 -7.49 15.96
C SER D 134 -6.51 -6.35 16.03
N ILE D 135 -6.69 -5.41 16.97
CA ILE D 135 -5.71 -4.33 17.10
C ILE D 135 -4.34 -4.88 17.49
N VAL D 136 -4.32 -5.80 18.46
CA VAL D 136 -3.05 -6.38 18.89
C VAL D 136 -2.43 -7.20 17.77
N LYS D 137 -3.25 -7.98 17.06
CA LYS D 137 -2.75 -8.76 15.93
C LYS D 137 -2.09 -7.85 14.89
N SER D 138 -2.79 -6.80 14.46
CA SER D 138 -2.25 -5.93 13.43
C SER D 138 -0.98 -5.23 13.89
N LEU D 139 -0.97 -4.73 15.14
CA LEU D 139 0.22 -4.05 15.63
C LEU D 139 1.42 -5.00 15.66
N ALA D 140 1.26 -6.18 16.26
CA ALA D 140 2.35 -7.12 16.34
C ALA D 140 2.77 -7.66 14.98
N THR D 141 1.91 -7.58 13.97
CA THR D 141 2.33 -8.02 12.65
C THR D 141 3.13 -6.93 11.93
N GLU D 142 2.57 -5.73 11.80
CA GLU D 142 3.27 -4.68 11.05
C GLU D 142 4.57 -4.28 11.72
N MET D 143 4.57 -4.13 13.05
CA MET D 143 5.78 -3.70 13.72
C MET D 143 6.90 -4.73 13.56
N THR D 144 6.57 -6.02 13.68
CA THR D 144 7.61 -7.03 13.51
C THR D 144 8.07 -7.13 12.06
N ILE D 145 7.17 -6.87 11.09
CA ILE D 145 7.62 -6.88 9.69
C ILE D 145 8.63 -5.77 9.46
N VAL D 146 8.34 -4.57 9.97
CA VAL D 146 9.26 -3.46 9.76
C VAL D 146 10.49 -3.56 10.64
N ALA D 147 10.46 -4.41 11.68
CA ALA D 147 11.64 -4.66 12.49
C ALA D 147 12.50 -5.79 11.95
N ASN D 148 11.94 -6.65 11.09
CA ASN D 148 12.71 -7.70 10.45
C ASN D 148 13.32 -7.25 9.13
N GLU D 149 12.59 -6.45 8.34
CA GLU D 149 13.16 -5.95 7.09
C GLU D 149 14.34 -5.02 7.30
N LEU D 150 14.55 -4.49 8.52
CA LEU D 150 15.68 -3.60 8.91
C LEU D 150 16.85 -4.41 9.47
N ALA D 151 16.60 -5.49 10.22
CA ALA D 151 17.67 -6.39 10.64
C ALA D 151 18.23 -7.16 9.46
N LYS D 152 17.39 -7.56 8.51
CA LYS D 152 17.90 -8.15 7.28
C LYS D 152 18.74 -7.16 6.50
N HIS D 153 18.37 -5.88 6.51
CA HIS D 153 19.15 -4.86 5.83
C HIS D 153 20.54 -4.72 6.45
N GLN D 154 20.62 -4.74 7.78
CA GLN D 154 21.93 -4.63 8.42
C GLN D 154 22.81 -5.85 8.15
N GLY D 155 22.20 -7.04 8.04
CA GLY D 155 22.96 -8.25 7.83
C GLY D 155 23.23 -9.02 9.11
N ARG D 156 22.17 -9.22 9.90
CA ARG D 156 22.24 -9.85 11.20
C ARG D 156 21.34 -11.09 11.21
N GLN D 157 21.26 -11.74 12.37
CA GLN D 157 20.38 -12.89 12.56
C GLN D 157 19.49 -12.80 13.79
N THR D 158 19.77 -11.92 14.75
CA THR D 158 19.03 -11.86 15.99
C THR D 158 18.30 -10.53 16.10
N LEU D 159 17.09 -10.56 16.64
CA LEU D 159 16.28 -9.37 16.92
C LEU D 159 16.27 -9.18 18.43
N GLY D 160 17.27 -8.49 18.95
CA GLY D 160 17.43 -8.36 20.38
C GLY D 160 16.86 -7.08 20.96
N ALA D 161 15.68 -6.69 20.46
CA ALA D 161 14.92 -5.51 20.90
C ALA D 161 15.61 -4.20 20.55
N GLY D 162 16.82 -4.22 20.00
CA GLY D 162 17.44 -3.03 19.50
C GLY D 162 17.04 -2.81 18.05
N ASP D 163 16.50 -3.87 17.45
CA ASP D 163 15.92 -3.79 16.11
C ASP D 163 14.43 -3.54 16.16
N PHE D 164 13.85 -3.39 17.35
CA PHE D 164 12.46 -2.98 17.52
C PHE D 164 12.31 -1.54 17.96
N ARG D 165 13.29 -1.00 18.69
CA ARG D 165 13.24 0.42 19.03
C ARG D 165 13.26 1.29 17.79
N THR D 166 14.15 0.99 16.85
CA THR D 166 14.24 1.77 15.62
C THR D 166 13.17 1.38 14.61
N ALA D 167 12.34 0.39 14.91
CA ALA D 167 11.14 0.14 14.13
C ALA D 167 9.95 0.91 14.70
N LEU D 168 9.86 0.99 16.02
CA LEU D 168 8.84 1.83 16.64
C LEU D 168 9.07 3.30 16.33
N ALA D 169 10.33 3.74 16.36
CA ALA D 169 10.64 5.12 16.00
C ALA D 169 10.28 5.41 14.53
N VAL D 170 10.58 4.45 13.65
CA VAL D 170 10.25 4.64 12.24
C VAL D 170 8.74 4.70 12.05
N ARG D 171 7.99 3.85 12.77
CA ARG D 171 6.54 3.86 12.65
C ARG D 171 5.90 5.07 13.33
N GLY D 172 6.60 5.71 14.26
CA GLY D 172 6.08 6.91 14.88
C GLY D 172 6.49 8.17 14.12
N SER D 173 7.50 8.06 13.27
CA SER D 173 7.88 9.17 12.40
C SER D 173 7.17 9.14 11.05
N LEU D 174 6.88 7.94 10.54
CA LEU D 174 6.20 7.82 9.25
C LEU D 174 4.78 8.38 9.31
N ILE D 175 4.17 8.38 10.48
CA ILE D 175 2.79 8.81 10.65
C ILE D 175 2.74 10.24 11.19
N ALA D 176 3.85 10.98 11.06
CA ALA D 176 3.95 12.37 11.51
C ALA D 176 3.59 12.52 12.98
N ARG D 177 3.58 11.38 13.68
CA ARG D 177 3.18 11.37 15.12
C ARG D 177 4.32 11.94 15.96
N GLU D 178 4.06 13.06 16.64
CA GLU D 178 5.13 13.70 17.39
C GLU D 178 5.65 12.78 18.51
N PRO D 179 6.95 12.82 18.81
CA PRO D 179 7.54 11.87 19.77
C PRO D 179 6.99 11.98 21.17
N ALA D 180 6.00 12.85 21.37
CA ALA D 180 5.42 13.07 22.69
C ALA D 180 4.96 11.75 23.32
N THR D 181 4.20 10.95 22.58
CA THR D 181 3.68 9.69 23.08
C THR D 181 4.44 8.48 22.53
N VAL D 182 5.58 8.73 21.88
CA VAL D 182 6.49 7.66 21.47
C VAL D 182 7.64 7.49 22.46
N LYS D 183 8.15 8.60 22.99
CA LYS D 183 9.21 8.54 23.99
C LYS D 183 8.71 7.88 25.28
N ALA D 184 7.46 8.15 25.67
CA ALA D 184 6.91 7.50 26.86
C ALA D 184 6.80 6.00 26.67
N LEU D 185 6.31 5.57 25.51
CA LEU D 185 6.22 4.13 25.24
C LEU D 185 7.60 3.49 25.21
N THR D 186 8.58 4.17 24.60
CA THR D 186 9.94 3.65 24.56
C THR D 186 10.50 3.51 25.97
N GLU D 187 10.27 4.51 26.82
CA GLU D 187 10.74 4.43 28.20
C GLU D 187 10.08 3.28 28.94
N MET D 188 8.77 3.10 28.76
CA MET D 188 8.06 2.00 29.42
C MET D 188 8.63 0.65 28.98
N GLY D 189 8.84 0.48 27.67
CA GLY D 189 9.38 -0.77 27.19
C GLY D 189 10.79 -1.05 27.69
N GLU D 190 11.63 -0.02 27.71
CA GLU D 190 12.99 -0.19 28.23
C GLU D 190 12.97 -0.54 29.71
N LYS D 191 12.08 0.09 30.48
CA LYS D 191 11.97 -0.23 31.91
C LYS D 191 11.53 -1.68 32.10
N ALA D 192 10.56 -2.14 31.29
CA ALA D 192 10.11 -3.53 31.40
C ALA D 192 11.24 -4.49 31.06
N VAL D 193 11.96 -4.22 29.97
CA VAL D 193 13.04 -5.17 29.54
C VAL D 193 13.97 -5.41 30.72
N LEU D 194 14.46 -4.34 31.35
CA LEU D 194 15.43 -4.48 32.47
C LEU D 194 14.80 -5.30 33.61
N LYS D 195 13.50 -5.10 33.87
CA LYS D 195 12.85 -5.78 35.02
C LYS D 195 13.12 -7.29 34.97
N TYR D 196 12.77 -7.94 33.85
CA TYR D 196 12.93 -9.41 33.75
C TYR D 196 14.42 -9.76 33.59
N GLN D 197 15.18 -8.94 32.88
CA GLN D 197 16.62 -9.27 32.65
C GLN D 197 17.36 -9.28 33.98
N SER D 198 17.14 -8.27 34.81
CA SER D 198 17.90 -8.16 36.09
C SER D 198 17.59 -9.34 37.01
N SER D 199 16.38 -9.89 36.92
CA SER D 199 15.98 -11.00 37.79
C SER D 199 16.77 -12.26 37.54
N LEU D 200 17.81 -12.17 36.70
CA LEU D 200 18.67 -13.34 36.40
C LEU D 200 20.11 -12.99 36.80
N THR E 78 -36.99 20.84 5.10
CA THR E 78 -36.12 20.26 6.14
C THR E 78 -36.50 18.82 6.48
N THR E 79 -36.80 18.02 5.46
CA THR E 79 -37.09 16.61 5.66
C THR E 79 -35.86 15.73 5.48
N ALA E 80 -35.04 16.04 4.47
CA ALA E 80 -33.81 15.28 4.26
C ALA E 80 -32.85 15.46 5.43
N LYS E 81 -32.84 16.63 6.06
CA LYS E 81 -31.98 16.85 7.22
C LYS E 81 -32.36 15.92 8.36
N ARG E 82 -33.66 15.81 8.64
CA ARG E 82 -34.12 14.91 9.69
C ARG E 82 -33.87 13.45 9.33
N LEU E 83 -34.07 13.10 8.05
CA LEU E 83 -33.80 11.73 7.62
C LEU E 83 -32.33 11.38 7.83
N SER E 84 -31.42 12.28 7.46
CA SER E 84 -30.01 12.03 7.66
C SER E 84 -29.66 11.98 9.13
N LYS E 85 -30.27 12.84 9.95
CA LYS E 85 -30.00 12.82 11.39
C LYS E 85 -30.40 11.48 11.99
N LYS E 86 -31.55 10.94 11.59
CA LYS E 86 -31.95 9.62 12.08
C LYS E 86 -31.04 8.53 11.56
N GLU E 87 -30.70 8.57 10.26
CA GLU E 87 -29.92 7.51 9.65
C GLU E 87 -28.52 7.42 10.26
N GLN E 88 -27.89 8.58 10.49
CA GLN E 88 -26.51 8.58 10.98
C GLN E 88 -26.41 7.91 12.34
N LYS E 89 -27.36 8.18 13.24
CA LYS E 89 -27.25 7.71 14.62
C LYS E 89 -27.98 6.39 14.85
N LEU E 90 -29.29 6.37 14.61
CA LEU E 90 -30.08 5.20 15.00
C LEU E 90 -29.68 3.96 14.22
N SER E 91 -29.42 4.11 12.92
CA SER E 91 -29.11 2.95 12.07
C SER E 91 -27.59 2.81 11.93
N SER E 92 -26.98 2.33 13.00
CA SER E 92 -25.56 1.99 13.02
C SER E 92 -25.32 0.50 12.85
N THR E 93 -26.38 -0.30 12.74
CA THR E 93 -26.28 -1.74 12.58
C THR E 93 -26.90 -2.23 11.27
N LYS E 94 -28.08 -1.74 10.93
CA LYS E 94 -28.76 -2.17 9.72
C LYS E 94 -28.02 -1.58 8.52
N THR E 95 -27.62 -2.44 7.59
CA THR E 95 -26.87 -2.01 6.42
C THR E 95 -27.82 -1.41 5.37
N THR E 96 -27.23 -0.73 4.39
CA THR E 96 -28.03 -0.06 3.37
C THR E 96 -28.79 -1.06 2.51
N VAL E 97 -28.14 -2.15 2.12
CA VAL E 97 -28.75 -3.17 1.27
C VAL E 97 -28.99 -4.42 2.12
N ARG E 98 -30.18 -4.99 1.99
CA ARG E 98 -30.61 -6.07 2.86
C ARG E 98 -29.75 -7.32 2.65
N ARG E 99 -29.92 -8.29 3.56
CA ARG E 99 -29.01 -9.47 3.55
C ARG E 99 -29.33 -10.37 2.36
N ALA E 100 -30.59 -10.69 2.16
CA ALA E 100 -30.91 -11.66 1.11
C ALA E 100 -30.45 -11.21 -0.27
N PRO E 101 -30.72 -9.97 -0.73
CA PRO E 101 -30.17 -9.57 -2.03
C PRO E 101 -28.66 -9.58 -2.07
N PHE E 102 -28.00 -9.21 -0.98
CA PHE E 102 -26.54 -9.26 -0.94
C PHE E 102 -26.05 -10.70 -1.09
N GLY E 103 -26.68 -11.64 -0.39
CA GLY E 103 -26.31 -13.03 -0.55
C GLY E 103 -26.54 -13.52 -1.97
N ARG E 104 -27.65 -13.11 -2.58
CA ARG E 104 -27.94 -13.54 -3.95
C ARG E 104 -26.89 -13.01 -4.92
N ILE E 105 -26.51 -11.75 -4.79
CA ILE E 105 -25.54 -11.18 -5.72
C ILE E 105 -24.16 -11.79 -5.48
N VAL E 106 -23.79 -12.03 -4.22
CA VAL E 106 -22.50 -12.65 -3.93
C VAL E 106 -22.44 -14.04 -4.53
N ARG E 107 -23.50 -14.82 -4.33
CA ARG E 107 -23.53 -16.18 -4.88
C ARG E 107 -23.49 -16.15 -6.40
N THR E 108 -24.20 -15.20 -7.02
CA THR E 108 -24.20 -15.10 -8.47
C THR E 108 -22.81 -14.74 -9.00
N ILE E 109 -22.11 -13.83 -8.32
CA ILE E 109 -20.80 -13.40 -8.80
C ILE E 109 -19.72 -14.43 -8.49
N ALA E 110 -19.93 -15.30 -7.50
CA ALA E 110 -18.94 -16.32 -7.20
C ALA E 110 -18.86 -17.37 -8.30
N SER E 111 -19.97 -17.68 -8.96
CA SER E 111 -19.99 -18.67 -10.03
C SER E 111 -19.58 -18.10 -11.37
N LEU E 112 -19.31 -16.80 -11.46
CA LEU E 112 -18.81 -16.23 -12.70
C LEU E 112 -17.36 -16.62 -12.91
N SER E 113 -17.04 -17.03 -14.15
CA SER E 113 -15.70 -17.45 -14.53
C SER E 113 -15.24 -18.66 -13.70
N SER E 114 -16.07 -19.70 -13.73
CA SER E 114 -15.78 -20.96 -13.05
C SER E 114 -16.76 -22.00 -13.59
N ALA E 115 -16.69 -23.21 -13.05
CA ALA E 115 -17.56 -24.29 -13.52
C ALA E 115 -18.07 -25.16 -12.38
N ASP E 116 -18.26 -24.59 -11.19
CA ASP E 116 -18.71 -25.37 -10.05
C ASP E 116 -19.44 -24.45 -9.08
N SER E 117 -20.53 -24.95 -8.51
CA SER E 117 -21.26 -24.25 -7.46
C SER E 117 -20.39 -24.20 -6.22
N MET E 118 -19.94 -23.00 -5.84
CA MET E 118 -18.87 -22.86 -4.86
C MET E 118 -19.34 -22.99 -3.42
N ARG E 119 -20.65 -22.90 -3.17
CA ARG E 119 -21.17 -22.86 -1.81
C ARG E 119 -20.61 -21.66 -1.05
N PHE E 120 -20.96 -21.53 0.23
CA PHE E 120 -20.46 -20.43 1.05
C PHE E 120 -20.56 -20.85 2.51
N SER E 121 -20.38 -19.88 3.41
CA SER E 121 -20.50 -20.08 4.83
C SER E 121 -21.60 -19.17 5.38
N ALA E 122 -21.74 -19.13 6.69
CA ALA E 122 -22.75 -18.31 7.34
C ALA E 122 -22.20 -17.02 7.92
N ASN E 123 -20.88 -16.90 8.06
CA ASN E 123 -20.27 -15.70 8.62
C ASN E 123 -19.39 -14.95 7.63
N ALA E 124 -19.13 -15.50 6.44
CA ALA E 124 -18.33 -14.80 5.46
C ALA E 124 -19.10 -13.67 4.79
N VAL E 125 -20.40 -13.86 4.58
CA VAL E 125 -21.20 -12.84 3.91
C VAL E 125 -21.28 -11.57 4.75
N ASP E 126 -21.39 -11.72 6.08
CA ASP E 126 -21.41 -10.55 6.95
C ASP E 126 -20.10 -9.77 6.87
N LEU E 127 -18.97 -10.48 6.85
CA LEU E 127 -17.68 -9.81 6.70
C LEU E 127 -17.58 -9.12 5.35
N LEU E 128 -18.05 -9.77 4.29
CA LEU E 128 -18.02 -9.15 2.97
C LEU E 128 -18.84 -7.86 2.95
N GLN E 129 -20.02 -7.88 3.57
CA GLN E 129 -20.83 -6.68 3.65
C GLN E 129 -20.12 -5.58 4.43
N GLN E 130 -19.61 -5.93 5.62
CA GLN E 130 -18.96 -4.93 6.46
C GLN E 130 -17.73 -4.35 5.79
N GLY E 131 -17.13 -5.10 4.86
CA GLY E 131 -16.02 -4.55 4.10
C GLY E 131 -16.46 -3.64 2.98
N ILE E 132 -17.34 -4.15 2.10
CA ILE E 132 -17.69 -3.44 0.88
C ILE E 132 -18.42 -2.13 1.20
N GLU E 133 -19.39 -2.19 2.12
CA GLU E 133 -20.18 -0.98 2.40
C GLU E 133 -19.32 0.11 3.02
N LEU E 134 -18.44 -0.28 3.97
CA LEU E 134 -17.55 0.70 4.57
C LEU E 134 -16.53 1.21 3.57
N TYR E 135 -16.21 0.41 2.55
CA TYR E 135 -15.33 0.91 1.49
C TYR E 135 -16.04 1.96 0.63
N MET E 136 -17.31 1.72 0.32
CA MET E 136 -18.03 2.65 -0.54
C MET E 136 -18.38 3.94 0.19
N LEU E 137 -18.59 3.87 1.51
CA LEU E 137 -18.96 5.07 2.25
C LEU E 137 -17.87 6.13 2.20
N ASP E 138 -16.62 5.69 2.33
CA ASP E 138 -15.47 6.66 2.29
C ASP E 138 -15.42 7.32 0.91
N LEU E 139 -15.54 6.53 -0.16
CA LEU E 139 -15.50 7.07 -1.51
C LEU E 139 -16.60 8.09 -1.72
N MET E 140 -17.81 7.79 -1.25
CA MET E 140 -18.91 8.75 -1.41
C MET E 140 -18.69 10.00 -0.59
N LYS E 141 -18.13 9.87 0.61
CA LYS E 141 -17.82 11.06 1.40
C LYS E 141 -16.81 11.95 0.69
N ASN E 142 -15.77 11.35 0.11
CA ASN E 142 -14.77 12.14 -0.61
C ASN E 142 -15.38 12.81 -1.84
N ALA E 143 -16.21 12.08 -2.59
CA ALA E 143 -16.83 12.66 -3.78
C ALA E 143 -17.76 13.81 -3.41
N ALA E 144 -18.53 13.65 -2.33
CA ALA E 144 -19.41 14.73 -1.89
C ALA E 144 -18.62 15.93 -1.42
N LEU E 145 -17.49 15.70 -0.75
CA LEU E 145 -16.64 16.82 -0.35
C LEU E 145 -16.10 17.57 -1.56
N ALA E 146 -15.69 16.83 -2.60
CA ALA E 146 -15.24 17.48 -3.83
C ALA E 146 -16.36 18.29 -4.47
N ALA E 147 -17.56 17.71 -4.55
CA ALA E 147 -18.68 18.41 -5.17
C ALA E 147 -19.03 19.68 -4.41
N LYS E 148 -19.01 19.62 -3.08
CA LYS E 148 -19.25 20.82 -2.28
C LYS E 148 -18.14 21.85 -2.50
N GLN E 149 -16.89 21.39 -2.59
CA GLN E 149 -15.78 22.31 -2.84
C GLN E 149 -15.88 22.96 -4.21
N ALA E 150 -16.56 22.34 -5.17
CA ALA E 150 -16.71 22.90 -6.51
C ALA E 150 -17.80 23.96 -6.58
N LYS E 151 -18.20 24.53 -5.43
CA LYS E 151 -19.25 25.54 -5.36
C LYS E 151 -20.55 25.04 -5.99
N ARG E 152 -20.93 23.83 -5.59
CA ARG E 152 -22.22 23.28 -6.07
C ARG E 152 -22.94 22.77 -4.83
N MET E 153 -24.23 22.50 -4.94
CA MET E 153 -25.03 22.01 -3.83
C MET E 153 -25.47 20.56 -3.99
N THR E 154 -25.71 20.12 -5.22
CA THR E 154 -26.12 18.74 -5.47
C THR E 154 -24.89 17.87 -5.72
N LEU E 155 -25.10 16.63 -6.14
CA LEU E 155 -24.03 15.70 -6.45
C LEU E 155 -24.25 15.12 -7.83
N MET E 156 -23.18 14.97 -8.59
CA MET E 156 -23.24 14.42 -9.93
C MET E 156 -22.26 13.27 -10.08
N GLY E 157 -22.52 12.42 -11.06
CA GLY E 157 -21.68 11.25 -11.27
C GLY E 157 -20.24 11.58 -11.61
N LYS E 158 -20.02 12.69 -12.32
CA LYS E 158 -18.67 13.07 -12.71
C LYS E 158 -17.79 13.39 -11.51
N ASP E 159 -18.39 13.66 -10.35
CA ASP E 159 -17.59 13.85 -9.14
C ASP E 159 -16.88 12.56 -8.74
N ILE E 160 -17.54 11.41 -8.90
CA ILE E 160 -16.95 10.14 -8.50
C ILE E 160 -15.76 9.80 -9.38
N ASP E 161 -15.85 10.13 -10.66
CA ASP E 161 -14.76 9.80 -11.59
C ASP E 161 -13.47 10.51 -11.22
N LEU E 162 -13.57 11.75 -10.74
CA LEU E 162 -12.37 12.47 -10.32
C LEU E 162 -11.67 11.76 -9.19
N ILE E 163 -12.43 11.30 -8.19
CA ILE E 163 -11.82 10.59 -7.07
C ILE E 163 -11.25 9.25 -7.54
N GLN E 164 -11.96 8.58 -8.45
CA GLN E 164 -11.48 7.29 -8.95
C GLN E 164 -10.15 7.46 -9.67
N THR E 165 -10.01 8.53 -10.46
CA THR E 165 -8.76 8.77 -11.15
C THR E 165 -7.66 9.19 -10.17
N ALA E 166 -7.97 10.11 -9.25
CA ALA E 166 -6.95 10.59 -8.32
C ALA E 166 -6.50 9.52 -7.35
N ASN E 167 -7.29 8.47 -7.15
CA ASN E 167 -6.91 7.36 -6.28
C ASN E 167 -6.49 6.11 -7.06
N HIS E 168 -6.29 6.25 -8.37
CA HIS E 168 -5.83 5.16 -9.24
C HIS E 168 -6.82 3.99 -9.25
N GLU E 169 -6.34 2.81 -9.65
CA GLU E 169 -7.17 1.61 -9.76
C GLU E 169 -8.32 1.82 -10.75
N MET E 170 -7.95 2.03 -12.02
CA MET E 170 -8.93 2.25 -13.07
C MET E 170 -9.72 0.98 -13.37
N ILE E 171 -11.03 1.14 -13.56
CA ILE E 171 -11.89 -0.05 -13.82
C ILE E 171 -11.96 -0.29 -15.33
N ASP E 172 -11.99 -1.55 -15.76
CA ASP E 172 -12.19 -1.80 -17.21
C ASP E 172 -13.64 -1.45 -17.52
N GLU E 173 -13.89 -0.30 -18.15
CA GLU E 173 -15.30 0.12 -18.37
C GLU E 173 -16.13 -1.08 -18.82
N ALA E 174 -15.61 -1.88 -19.74
CA ALA E 174 -16.40 -3.00 -20.30
C ALA E 174 -16.90 -3.96 -19.21
N HIS E 175 -16.02 -4.42 -18.32
CA HIS E 175 -16.42 -5.43 -17.31
C HIS E 175 -17.62 -4.91 -16.52
N ALA E 176 -17.52 -3.70 -15.96
CA ALA E 176 -18.60 -3.25 -15.07
C ALA E 176 -19.94 -3.40 -15.80
N ALA E 177 -19.97 -3.05 -17.08
CA ALA E 177 -21.20 -3.21 -17.89
C ALA E 177 -21.64 -4.68 -17.91
N LYS E 178 -20.79 -5.62 -18.37
CA LYS E 178 -21.31 -7.02 -18.35
C LYS E 178 -21.83 -7.40 -16.96
N LEU E 179 -21.17 -6.87 -15.92
CA LEU E 179 -21.55 -7.19 -14.51
C LEU E 179 -22.96 -6.67 -14.24
N ALA E 180 -23.21 -5.39 -14.52
CA ALA E 180 -24.53 -4.79 -14.18
C ALA E 180 -25.59 -5.26 -15.18
N ASN E 181 -25.21 -5.47 -16.44
CA ASN E 181 -26.26 -5.75 -17.46
C ASN E 181 -26.39 -7.23 -17.78
N THR E 182 -25.38 -7.81 -18.42
CA THR E 182 -25.49 -9.23 -18.84
C THR E 182 -25.82 -10.09 -17.61
N SER E 183 -25.03 -10.00 -16.55
CA SER E 183 -25.26 -10.86 -15.37
C SER E 183 -26.72 -10.73 -14.93
N SER E 184 -27.45 -11.84 -14.85
CA SER E 184 -28.90 -11.77 -14.52
C SER E 184 -29.37 -13.09 -13.90
N ALA E 185 -29.22 -13.26 -12.58
CA ALA E 185 -29.58 -14.54 -11.95
C ALA E 185 -29.59 -14.42 -10.42
N GLY E 186 -29.49 -15.56 -9.73
CA GLY E 186 -29.58 -15.53 -8.25
C GLY E 186 -31.02 -15.71 -7.81
N LYS F 45 -39.98 -9.37 -9.84
CA LYS F 45 -40.10 -10.68 -10.48
C LYS F 45 -40.01 -10.57 -12.00
N HIS F 46 -40.67 -9.54 -12.55
CA HIS F 46 -40.62 -9.33 -13.99
C HIS F 46 -39.21 -9.00 -14.46
N ILE F 47 -38.49 -8.19 -13.70
CA ILE F 47 -37.11 -7.83 -14.00
C ILE F 47 -36.23 -8.39 -12.89
N LYS F 48 -35.25 -9.21 -13.28
CA LYS F 48 -34.38 -9.88 -12.32
C LYS F 48 -32.91 -9.64 -12.61
N ASN F 49 -32.59 -8.78 -13.58
CA ASN F 49 -31.21 -8.58 -14.00
C ASN F 49 -30.42 -7.93 -12.88
N LEU F 50 -29.10 -8.15 -12.88
CA LEU F 50 -28.24 -7.74 -11.77
C LEU F 50 -28.21 -6.21 -11.64
N GLY F 51 -27.59 -5.74 -10.56
CA GLY F 51 -27.47 -4.32 -10.35
C GLY F 51 -28.64 -3.74 -9.59
N GLU F 52 -29.85 -3.86 -10.14
CA GLU F 52 -31.02 -3.37 -9.43
C GLU F 52 -31.31 -4.15 -8.16
N GLU F 53 -30.67 -5.30 -7.96
CA GLU F 53 -30.71 -5.95 -6.65
C GLU F 53 -30.14 -5.02 -5.59
N ILE F 54 -29.13 -4.22 -5.96
CA ILE F 54 -28.79 -3.05 -5.18
C ILE F 54 -29.87 -2.01 -5.47
N GLY F 55 -30.72 -1.73 -4.49
CA GLY F 55 -31.89 -0.93 -4.73
C GLY F 55 -31.56 0.51 -5.07
N ASN F 56 -32.51 1.16 -5.73
CA ASN F 56 -32.37 2.59 -6.02
C ASN F 56 -32.30 3.41 -4.73
N SER F 57 -32.97 2.94 -3.68
CA SER F 57 -32.90 3.64 -2.40
C SER F 57 -31.57 3.41 -1.69
N ALA F 58 -30.83 2.37 -2.05
CA ALA F 58 -29.53 2.12 -1.43
C ALA F 58 -28.57 3.27 -1.69
N VAL F 59 -28.55 3.79 -2.91
CA VAL F 59 -27.67 4.90 -3.26
C VAL F 59 -28.03 6.13 -2.43
N ARG F 60 -29.33 6.43 -2.33
CA ARG F 60 -29.75 7.56 -1.51
C ARG F 60 -29.32 7.37 -0.06
N LYS F 61 -29.50 6.17 0.47
CA LYS F 61 -29.14 5.91 1.86
C LYS F 61 -27.64 6.10 2.10
N THR F 62 -26.80 5.56 1.20
CA THR F 62 -25.37 5.66 1.44
C THR F 62 -24.85 7.07 1.19
N VAL F 63 -25.51 7.83 0.33
CA VAL F 63 -25.06 9.22 0.14
C VAL F 63 -25.60 10.12 1.24
N LEU F 64 -26.70 9.73 1.88
CA LEU F 64 -27.26 10.50 2.98
C LEU F 64 -26.67 10.13 4.32
N ARG F 65 -25.97 8.99 4.42
CA ARG F 65 -25.31 8.64 5.67
C ARG F 65 -24.21 9.64 6.01
N THR F 66 -23.68 10.35 5.02
CA THR F 66 -22.71 11.40 5.25
C THR F 66 -23.39 12.76 5.09
N GLY F 67 -23.21 13.62 6.09
CA GLY F 67 -23.90 14.90 6.11
C GLY F 67 -23.18 16.00 5.39
N VAL F 68 -23.03 15.87 4.07
CA VAL F 68 -22.37 16.89 3.26
C VAL F 68 -23.29 17.35 2.14
N VAL F 69 -23.84 16.39 1.40
CA VAL F 69 -24.65 16.67 0.22
C VAL F 69 -25.98 15.93 0.36
N PHE F 70 -27.09 16.64 0.12
CA PHE F 70 -28.42 16.10 0.32
C PHE F 70 -29.18 15.89 -0.99
N ARG F 71 -28.54 16.04 -2.14
CA ARG F 71 -29.19 15.85 -3.43
C ARG F 71 -28.29 15.05 -4.35
N LEU F 72 -28.89 14.45 -5.38
CA LEU F 72 -28.14 13.75 -6.40
C LEU F 72 -28.95 13.74 -7.69
N ASP F 73 -28.25 13.72 -8.82
CA ASP F 73 -28.90 13.77 -10.12
C ASP F 73 -29.18 12.36 -10.62
N LYS F 74 -29.54 12.24 -11.90
CA LYS F 74 -29.93 10.96 -12.48
C LYS F 74 -28.75 10.04 -12.76
N THR F 75 -27.57 10.59 -13.04
CA THR F 75 -26.45 9.79 -13.52
C THR F 75 -25.60 9.19 -12.41
N VAL F 76 -25.91 9.48 -11.15
CA VAL F 76 -25.10 8.96 -10.05
C VAL F 76 -25.28 7.46 -9.92
N ARG F 77 -26.49 6.95 -10.15
CA ARG F 77 -26.77 5.54 -9.90
C ARG F 77 -25.90 4.60 -10.73
N PRO F 78 -25.82 4.71 -12.06
CA PRO F 78 -25.02 3.73 -12.82
C PRO F 78 -23.55 3.72 -12.43
N LYS F 79 -22.98 4.88 -12.10
CA LYS F 79 -21.58 4.92 -11.68
C LYS F 79 -21.39 4.15 -10.38
N PHE F 80 -22.32 4.33 -9.42
CA PHE F 80 -22.28 3.58 -8.18
C PHE F 80 -22.36 2.08 -8.43
N HIS F 81 -23.31 1.66 -9.27
CA HIS F 81 -23.47 0.24 -9.53
C HIS F 81 -22.22 -0.35 -10.15
N LYS F 82 -21.66 0.33 -11.15
CA LYS F 82 -20.47 -0.18 -11.82
C LYS F 82 -19.28 -0.24 -10.87
N VAL F 83 -19.08 0.79 -10.05
CA VAL F 83 -17.95 0.79 -9.13
C VAL F 83 -18.09 -0.34 -8.11
N MET F 84 -19.27 -0.47 -7.51
CA MET F 84 -19.47 -1.48 -6.48
C MET F 84 -19.27 -2.88 -7.05
N LEU F 85 -19.86 -3.16 -8.21
CA LEU F 85 -19.72 -4.50 -8.78
C LEU F 85 -18.29 -4.77 -9.24
N SER F 86 -17.62 -3.76 -9.79
CA SER F 86 -16.23 -3.95 -10.22
C SER F 86 -15.35 -4.31 -9.04
N LYS F 87 -15.55 -3.65 -7.90
CA LYS F 87 -14.77 -4.01 -6.72
C LYS F 87 -15.14 -5.41 -6.22
N LEU F 88 -16.45 -5.70 -6.13
CA LEU F 88 -16.89 -6.94 -5.50
C LEU F 88 -16.48 -8.16 -6.31
N TYR F 89 -16.46 -8.05 -7.64
CA TYR F 89 -16.09 -9.19 -8.46
C TYR F 89 -14.68 -9.66 -8.13
N GLU F 90 -13.72 -8.74 -8.09
CA GLU F 90 -12.36 -9.09 -7.72
C GLU F 90 -12.28 -9.58 -6.29
N ALA F 91 -12.96 -8.87 -5.36
CA ALA F 91 -12.85 -9.23 -3.95
C ALA F 91 -13.43 -10.61 -3.66
N VAL F 92 -14.36 -11.09 -4.50
CA VAL F 92 -14.92 -12.42 -4.30
C VAL F 92 -14.13 -13.48 -5.06
N ASN F 93 -13.68 -13.18 -6.27
CA ASN F 93 -12.93 -14.18 -7.03
C ASN F 93 -11.57 -14.46 -6.41
N ILE F 94 -10.96 -13.47 -5.74
CA ILE F 94 -9.70 -13.73 -5.05
C ILE F 94 -9.91 -14.76 -3.95
N ALA F 95 -10.98 -14.59 -3.17
CA ALA F 95 -11.29 -15.55 -2.11
C ALA F 95 -11.63 -16.92 -2.70
N LYS F 96 -12.35 -16.94 -3.82
CA LYS F 96 -12.68 -18.22 -4.43
C LYS F 96 -11.42 -18.97 -4.87
N LEU F 97 -10.48 -18.26 -5.51
CA LEU F 97 -9.25 -18.91 -5.95
C LEU F 97 -8.41 -19.37 -4.77
N ALA F 98 -8.32 -18.53 -3.73
CA ALA F 98 -7.55 -18.94 -2.54
C ALA F 98 -8.18 -20.15 -1.86
N ALA F 99 -9.51 -20.24 -1.85
CA ALA F 99 -10.16 -21.41 -1.30
C ALA F 99 -9.86 -22.65 -2.14
N LYS F 100 -10.05 -22.56 -3.46
CA LYS F 100 -9.84 -23.72 -4.32
C LYS F 100 -8.39 -24.17 -4.36
N HIS F 101 -7.44 -23.27 -4.08
CA HIS F 101 -6.04 -23.66 -4.08
C HIS F 101 -5.71 -24.65 -2.98
N SER F 102 -6.41 -24.56 -1.85
CA SER F 102 -6.17 -25.43 -0.69
C SER F 102 -7.16 -26.59 -0.65
N GLY F 103 -7.54 -27.13 -1.81
CA GLY F 103 -8.60 -28.10 -1.82
C GLY F 103 -9.93 -27.44 -1.50
N ARG F 104 -10.82 -28.20 -0.87
CA ARG F 104 -12.08 -27.67 -0.36
C ARG F 104 -12.99 -27.11 -1.46
N SER F 105 -14.20 -26.79 -1.09
CA SER F 105 -15.13 -26.08 -1.98
C SER F 105 -15.75 -24.87 -1.33
N THR F 106 -16.06 -24.93 -0.03
CA THR F 106 -16.80 -23.89 0.65
C THR F 106 -15.88 -22.77 1.11
N ILE F 107 -16.24 -21.53 0.77
CA ILE F 107 -15.52 -20.38 1.27
C ILE F 107 -15.70 -20.28 2.78
N GLN F 108 -14.72 -19.71 3.45
CA GLN F 108 -14.68 -19.63 4.90
C GLN F 108 -14.20 -18.25 5.31
N PRO F 109 -14.41 -17.86 6.58
CA PRO F 109 -13.98 -16.52 7.00
C PRO F 109 -12.51 -16.21 6.75
N LYS F 110 -11.63 -17.19 6.89
CA LYS F 110 -10.21 -16.93 6.65
C LYS F 110 -9.96 -16.53 5.20
N ASP F 111 -10.62 -17.20 4.26
CA ASP F 111 -10.41 -16.91 2.85
C ASP F 111 -10.92 -15.52 2.48
N VAL F 112 -12.10 -15.14 2.97
CA VAL F 112 -12.61 -13.80 2.67
C VAL F 112 -11.76 -12.75 3.35
N ARG F 113 -11.24 -13.03 4.55
CA ARG F 113 -10.35 -12.08 5.21
C ARG F 113 -9.08 -11.88 4.39
N LEU F 114 -8.50 -12.97 3.87
CA LEU F 114 -7.32 -12.85 3.03
C LEU F 114 -7.63 -12.10 1.75
N GLY F 115 -8.79 -12.37 1.14
CA GLY F 115 -9.17 -11.65 -0.06
C GLY F 115 -9.34 -10.16 0.18
N LEU F 116 -9.97 -9.80 1.29
CA LEU F 116 -10.10 -8.39 1.63
C LEU F 116 -8.75 -7.74 1.87
N LYS F 117 -7.86 -8.44 2.56
CA LYS F 117 -6.52 -7.88 2.79
C LYS F 117 -5.77 -7.68 1.49
N LEU F 118 -5.88 -8.63 0.55
CA LEU F 118 -5.21 -8.52 -0.72
C LEU F 118 -5.88 -7.55 -1.69
N ALA F 119 -7.14 -7.19 -1.45
CA ALA F 119 -7.85 -6.24 -2.28
C ALA F 119 -7.61 -4.79 -1.87
N SER F 120 -6.58 -4.55 -1.08
CA SER F 120 -6.18 -3.21 -0.63
C SER F 120 -7.25 -2.53 0.20
N ILE F 121 -8.17 -3.31 0.78
CA ILE F 121 -9.16 -2.79 1.72
C ILE F 121 -8.86 -3.43 3.08
N LYS F 122 -8.62 -2.58 4.08
CA LYS F 122 -8.10 -3.03 5.36
C LYS F 122 -9.22 -3.04 6.39
N LEU F 123 -9.50 -4.22 6.94
CA LEU F 123 -10.65 -4.45 7.82
C LEU F 123 -10.38 -3.96 9.24
N LEU F 124 -11.23 -4.41 10.18
CA LEU F 124 -11.19 -3.94 11.56
C LEU F 124 -9.77 -3.90 12.11
N ALA F 125 -9.48 -2.83 12.85
CA ALA F 125 -8.18 -2.63 13.45
C ALA F 125 -8.26 -1.55 14.52
N ASN G 92 27.77 -32.13 -18.29
CA ASN G 92 27.16 -31.39 -17.20
C ASN G 92 25.90 -30.65 -17.65
N VAL G 93 24.83 -30.79 -16.85
CA VAL G 93 23.56 -30.12 -17.11
C VAL G 93 23.64 -28.62 -16.83
N LYS G 94 24.80 -28.11 -16.39
CA LYS G 94 24.95 -26.69 -16.11
C LYS G 94 24.64 -25.81 -17.32
N ARG G 95 24.39 -26.41 -18.49
CA ARG G 95 23.86 -25.70 -19.65
C ARG G 95 22.36 -25.41 -19.44
N ALA G 96 22.09 -24.64 -18.39
CA ALA G 96 20.70 -24.37 -17.99
C ALA G 96 19.91 -23.68 -19.09
N ASN G 97 20.58 -23.03 -20.04
CA ASN G 97 19.87 -22.36 -21.12
C ASN G 97 19.09 -23.36 -21.97
N GLU G 98 19.72 -24.48 -22.32
CA GLU G 98 19.06 -25.48 -23.15
C GLU G 98 18.22 -26.46 -22.35
N ARG G 99 18.22 -26.35 -21.02
CA ARG G 99 17.42 -27.26 -20.20
C ARG G 99 15.93 -27.03 -20.42
N ALA G 100 15.49 -25.78 -20.34
CA ALA G 100 14.10 -25.41 -20.62
C ALA G 100 13.99 -24.46 -21.80
N GLY G 101 15.02 -24.35 -22.63
CA GLY G 101 15.01 -23.43 -23.75
C GLY G 101 15.09 -21.97 -23.37
N LEU G 102 15.24 -21.64 -22.10
CA LEU G 102 15.29 -20.27 -21.63
C LEU G 102 16.71 -19.72 -21.75
N LYS G 103 16.90 -18.48 -21.31
CA LYS G 103 18.20 -17.82 -21.39
C LYS G 103 18.76 -17.44 -20.03
N LEU G 104 17.95 -16.72 -19.24
CA LEU G 104 18.43 -16.23 -17.92
C LEU G 104 18.73 -17.46 -17.05
N PRO G 105 19.71 -17.43 -16.12
CA PRO G 105 20.04 -18.64 -15.36
C PRO G 105 19.09 -18.85 -14.19
N PRO G 106 18.31 -19.95 -14.16
CA PRO G 106 17.32 -20.14 -13.12
C PRO G 106 17.91 -19.91 -11.72
N GLY G 107 19.17 -20.31 -11.49
CA GLY G 107 19.74 -20.19 -10.15
C GLY G 107 19.67 -18.77 -9.60
N ARG G 108 20.02 -17.77 -10.40
CA ARG G 108 20.05 -16.36 -9.90
C ARG G 108 18.67 -15.95 -9.38
N ILE G 109 17.61 -16.33 -10.09
CA ILE G 109 16.24 -16.05 -9.66
C ILE G 109 15.91 -16.83 -8.39
N GLN G 110 16.45 -18.04 -8.26
CA GLN G 110 16.15 -18.88 -7.10
C GLN G 110 16.68 -18.28 -5.81
N LYS G 111 17.85 -17.64 -5.86
CA LYS G 111 18.35 -17.01 -4.63
C LYS G 111 17.45 -15.87 -4.20
N ILE G 112 16.93 -15.11 -5.17
CA ILE G 112 15.97 -14.05 -4.85
C ILE G 112 14.70 -14.65 -4.26
N ILE G 113 14.23 -15.78 -4.82
CA ILE G 113 13.07 -16.47 -4.28
C ILE G 113 13.30 -16.83 -2.83
N LYS G 114 14.45 -17.43 -2.54
CA LYS G 114 14.79 -17.85 -1.17
C LYS G 114 15.07 -16.66 -0.26
N ALA G 115 15.19 -15.46 -0.81
CA ALA G 115 15.52 -14.34 0.10
C ALA G 115 14.29 -14.03 0.96
N ASN G 116 13.12 -14.01 0.35
CA ASN G 116 11.87 -13.65 1.08
C ASN G 116 11.01 -14.89 1.32
N GLN G 117 11.13 -15.52 2.49
CA GLN G 117 10.28 -16.68 2.78
C GLN G 117 10.18 -16.77 4.28
N THR G 118 8.98 -16.54 4.82
CA THR G 118 8.79 -16.59 6.26
C THR G 118 9.21 -17.95 6.79
N THR G 119 9.65 -17.98 8.06
CA THR G 119 10.29 -19.18 8.57
C THR G 119 9.25 -20.25 8.92
N ASP G 120 8.35 -20.52 7.97
CA ASP G 120 7.38 -21.58 8.07
C ASP G 120 7.34 -22.40 6.77
N VAL G 121 8.24 -22.13 5.83
CA VAL G 121 8.17 -22.79 4.53
C VAL G 121 9.45 -23.58 4.23
N GLY G 122 10.56 -22.88 4.07
CA GLY G 122 11.76 -23.56 3.62
C GLY G 122 11.50 -24.32 2.32
N ARG G 123 12.03 -25.54 2.24
CA ARG G 123 11.79 -26.44 1.11
C ARG G 123 12.12 -25.79 -0.23
N SER G 124 11.12 -25.18 -0.86
CA SER G 124 11.31 -24.49 -2.14
C SER G 124 11.81 -25.43 -3.22
N SER G 125 10.97 -26.39 -3.62
CA SER G 125 11.24 -27.29 -4.72
C SER G 125 11.85 -26.55 -5.91
N PRO G 126 12.82 -27.16 -6.60
CA PRO G 126 13.56 -26.44 -7.64
C PRO G 126 12.77 -26.18 -8.91
N THR G 127 11.51 -26.61 -8.99
CA THR G 127 10.72 -26.40 -10.20
C THR G 127 9.93 -25.11 -10.19
N ALA G 128 9.97 -24.35 -9.08
CA ALA G 128 9.37 -23.01 -9.06
C ALA G 128 10.24 -21.99 -9.78
N SER G 129 11.57 -22.12 -9.65
CA SER G 129 12.48 -21.18 -10.27
C SER G 129 12.35 -21.21 -11.79
N VAL G 130 12.17 -22.41 -12.36
CA VAL G 130 12.02 -22.53 -13.81
C VAL G 130 10.78 -21.78 -14.28
N PHE G 131 9.67 -21.97 -13.58
CA PHE G 131 8.42 -21.28 -13.91
C PHE G 131 8.59 -19.76 -13.83
N LEU G 132 9.13 -19.27 -12.71
CA LEU G 132 9.30 -17.84 -12.54
C LEU G 132 10.23 -17.25 -13.60
N THR G 133 11.35 -17.93 -13.86
CA THR G 133 12.32 -17.42 -14.82
C THR G 133 11.75 -17.42 -16.23
N ALA G 134 10.97 -18.44 -16.59
CA ALA G 134 10.34 -18.42 -17.91
C ALA G 134 9.40 -17.25 -18.05
N VAL G 135 8.57 -17.00 -17.04
CA VAL G 135 7.62 -15.88 -17.11
C VAL G 135 8.38 -14.56 -17.27
N ILE G 136 9.40 -14.36 -16.43
CA ILE G 136 10.14 -13.10 -16.46
C ILE G 136 10.87 -12.94 -17.79
N GLU G 137 11.42 -14.03 -18.32
CA GLU G 137 12.13 -13.99 -19.59
C GLU G 137 11.20 -13.57 -20.71
N ASP G 138 9.98 -14.13 -20.74
CA ASP G 138 9.04 -13.74 -21.78
C ASP G 138 8.66 -12.27 -21.66
N ILE G 139 8.43 -11.80 -20.43
CA ILE G 139 8.08 -10.40 -20.24
C ILE G 139 9.18 -9.48 -20.75
N VAL G 140 10.43 -9.79 -20.38
CA VAL G 140 11.55 -8.94 -20.75
C VAL G 140 11.79 -8.97 -22.26
N LYS G 141 11.71 -10.15 -22.86
CA LYS G 141 11.89 -10.25 -24.30
C LYS G 141 10.82 -9.44 -25.04
N GLU G 142 9.57 -9.54 -24.60
CA GLU G 142 8.51 -8.81 -25.27
C GLU G 142 8.68 -7.29 -25.14
N ILE G 143 9.02 -6.81 -23.93
CA ILE G 143 9.17 -5.37 -23.77
C ILE G 143 10.34 -4.84 -24.59
N ILE G 144 11.47 -5.58 -24.61
CA ILE G 144 12.62 -5.14 -25.38
C ILE G 144 12.28 -5.11 -26.87
N LYS G 145 11.64 -6.18 -27.38
CA LYS G 145 11.30 -6.23 -28.79
C LYS G 145 10.35 -5.10 -29.17
N GLY G 146 9.38 -4.79 -28.30
CA GLY G 146 8.48 -3.69 -28.59
C GLY G 146 9.15 -2.33 -28.59
N ALA G 147 10.00 -2.09 -27.59
CA ALA G 147 10.58 -0.75 -27.45
C ALA G 147 11.66 -0.46 -28.48
N ASP G 148 12.37 -1.49 -28.94
CA ASP G 148 13.52 -1.25 -29.81
C ASP G 148 13.10 -0.63 -31.14
N LYS G 149 12.01 -1.13 -31.73
CA LYS G 149 11.60 -0.62 -33.03
C LYS G 149 11.26 0.86 -32.97
N LYS G 150 10.58 1.30 -31.91
CA LYS G 150 10.18 2.69 -31.82
C LYS G 150 11.33 3.58 -31.36
N SER G 151 12.29 3.04 -30.62
CA SER G 151 13.43 3.83 -30.17
C SER G 151 14.36 4.21 -31.31
N GLU G 152 14.10 3.72 -32.51
CA GLU G 152 14.87 4.04 -33.71
C GLU G 152 14.24 5.14 -34.54
N GLU G 153 12.91 5.20 -34.59
CA GLU G 153 12.23 6.22 -35.39
C GLU G 153 12.56 7.62 -34.89
N ARG G 154 12.62 7.80 -33.57
CA ARG G 154 13.04 9.07 -33.01
C ARG G 154 14.49 9.39 -33.37
N GLY G 155 15.24 8.41 -33.83
CA GLY G 155 16.66 8.55 -34.10
C GLY G 155 17.47 7.63 -33.22
N ARG G 156 18.78 7.62 -33.49
CA ARG G 156 19.74 6.86 -32.71
C ARG G 156 19.48 5.35 -32.82
N ILE G 157 20.39 4.53 -32.29
CA ILE G 157 20.26 3.08 -32.42
C ILE G 157 20.42 2.39 -31.07
N ARG G 158 20.16 3.10 -29.99
CA ARG G 158 20.30 2.56 -28.64
C ARG G 158 18.95 2.57 -27.93
N ILE G 159 18.96 2.15 -26.67
CA ILE G 159 17.77 2.10 -25.83
C ILE G 159 18.03 2.96 -24.61
N SER G 160 17.10 3.86 -24.31
CA SER G 160 17.25 4.84 -23.25
C SER G 160 16.05 4.79 -22.31
N PRO G 161 16.21 5.27 -21.07
CA PRO G 161 15.08 5.22 -20.13
C PRO G 161 13.84 5.94 -20.62
N GLN G 162 14.00 7.08 -21.30
CA GLN G 162 12.86 7.71 -21.94
C GLN G 162 12.29 6.84 -23.05
N ASP G 163 13.14 6.14 -23.79
CA ASP G 163 12.70 5.24 -24.84
C ASP G 163 12.17 3.92 -24.30
N ILE G 164 12.22 3.72 -23.00
CA ILE G 164 11.50 2.63 -22.34
C ILE G 164 10.16 3.11 -21.79
N LEU G 165 10.16 4.26 -21.11
CA LEU G 165 8.91 4.79 -20.57
C LEU G 165 7.92 5.12 -21.67
N LYS G 166 8.37 5.74 -22.75
CA LYS G 166 7.48 6.04 -23.85
C LYS G 166 7.11 4.75 -24.58
N TYR G 167 6.03 4.82 -25.37
CA TYR G 167 5.52 3.71 -26.17
C TYR G 167 5.23 2.48 -25.34
N LEU G 168 6.19 1.54 -25.25
CA LEU G 168 5.87 0.20 -24.78
C LEU G 168 5.24 0.22 -23.38
N THR G 169 5.54 1.24 -22.59
CA THR G 169 4.83 1.40 -21.31
C THR G 169 3.52 2.15 -21.48
N GLU G 170 3.52 3.18 -22.34
CA GLU G 170 2.30 3.97 -22.58
C GLU G 170 1.39 3.30 -23.60
N ASN G 171 1.97 2.72 -24.65
CA ASN G 171 1.19 2.02 -25.67
C ASN G 171 0.84 0.61 -25.23
N GLY G 172 1.85 -0.17 -24.85
CA GLY G 172 1.63 -1.52 -24.37
C GLY G 172 1.44 -1.59 -22.87
N GLU G 173 0.33 -1.06 -22.37
CA GLU G 173 0.09 -1.00 -20.93
C GLU G 173 -0.16 -2.37 -20.31
N ALA G 174 -0.34 -3.41 -21.13
CA ALA G 174 -0.57 -4.75 -20.58
C ALA G 174 0.62 -5.21 -19.74
N TYR G 175 1.84 -4.99 -20.22
CA TYR G 175 3.04 -5.27 -19.46
C TYR G 175 3.42 -4.13 -18.53
N MET G 176 2.51 -3.20 -18.30
CA MET G 176 2.76 -2.04 -17.44
C MET G 176 1.95 -2.13 -16.16
N HIS G 177 0.63 -2.35 -16.27
CA HIS G 177 -0.22 -2.41 -15.08
C HIS G 177 0.19 -3.53 -14.13
N ILE G 178 0.90 -4.55 -14.62
CA ILE G 178 1.24 -5.69 -13.77
C ILE G 178 2.18 -5.27 -12.64
N LEU G 179 3.08 -4.33 -12.90
CA LEU G 179 4.04 -3.92 -11.88
C LEU G 179 3.49 -2.87 -10.91
N GLY G 180 2.56 -2.02 -11.37
CA GLY G 180 2.03 -0.98 -10.52
C GLY G 180 2.26 0.42 -11.06
N ASP G 181 3.11 1.18 -10.39
CA ASP G 181 3.49 2.51 -10.86
C ASP G 181 4.58 2.39 -11.94
N ALA G 182 4.85 3.52 -12.61
CA ALA G 182 5.91 3.56 -13.62
C ALA G 182 7.19 4.17 -13.07
N PHE G 183 7.16 5.47 -12.73
CA PHE G 183 8.28 6.19 -12.13
C PHE G 183 9.62 5.77 -12.71
N VAL G 184 9.72 5.68 -14.04
CA VAL G 184 10.83 4.98 -14.68
C VAL G 184 12.15 5.67 -14.40
N SER G 185 12.32 6.88 -14.92
CA SER G 185 13.60 7.57 -14.86
C SER G 185 13.38 8.99 -15.33
N HIS G 186 14.47 9.69 -15.63
CA HIS G 186 14.37 11.00 -16.26
C HIS G 186 13.91 10.81 -17.70
N GLY G 187 12.68 10.35 -17.87
CA GLY G 187 12.12 10.06 -19.18
C GLY G 187 11.00 10.98 -19.63
N GLY G 188 10.79 12.12 -18.96
CA GLY G 188 9.74 13.02 -19.37
C GLY G 188 8.36 12.47 -19.04
N VAL G 189 7.38 12.87 -19.84
CA VAL G 189 6.00 12.45 -19.64
C VAL G 189 5.57 11.52 -20.77
N LYS H 100 36.40 -11.40 -5.13
CA LYS H 100 34.97 -11.74 -4.99
C LYS H 100 34.14 -11.09 -6.09
N ASN H 101 33.17 -11.84 -6.61
CA ASN H 101 32.38 -11.43 -7.75
C ASN H 101 31.02 -10.89 -7.30
N TYR H 102 30.33 -10.23 -8.23
CA TYR H 102 28.98 -9.75 -8.03
C TYR H 102 28.04 -10.45 -8.99
N ASP H 103 26.86 -10.83 -8.51
CA ASP H 103 25.90 -11.60 -9.28
C ASP H 103 24.76 -10.68 -9.74
N SER H 104 24.57 -10.60 -11.05
CA SER H 104 23.53 -9.76 -11.62
C SER H 104 23.17 -10.28 -13.00
N PHE H 105 22.17 -9.66 -13.61
CA PHE H 105 21.67 -10.05 -14.92
C PHE H 105 22.15 -9.10 -16.02
N ALA H 106 23.25 -8.39 -15.80
CA ALA H 106 23.68 -7.38 -16.76
C ALA H 106 24.02 -8.01 -18.11
N THR H 107 24.75 -9.12 -18.11
CA THR H 107 25.06 -9.78 -19.37
C THR H 107 23.86 -10.53 -19.92
N PHE H 108 23.13 -11.24 -19.05
CA PHE H 108 22.03 -12.07 -19.51
C PHE H 108 20.94 -11.25 -20.15
N ILE H 109 20.72 -10.02 -19.69
CA ILE H 109 19.76 -9.14 -20.34
C ILE H 109 20.21 -8.81 -21.76
N ALA H 110 21.52 -8.62 -21.96
CA ALA H 110 22.03 -8.46 -23.31
C ALA H 110 22.04 -9.76 -24.10
N LYS H 111 21.82 -10.90 -23.45
CA LYS H 111 21.85 -12.19 -24.11
C LYS H 111 20.50 -12.61 -24.70
N LEU H 112 19.43 -11.84 -24.51
CA LEU H 112 18.15 -12.20 -25.11
C LEU H 112 18.19 -12.03 -26.63
N VAL H 113 17.05 -12.24 -27.26
CA VAL H 113 16.97 -12.40 -28.71
C VAL H 113 17.38 -11.09 -29.38
N GLY H 114 18.59 -11.11 -29.95
CA GLY H 114 19.11 -9.99 -30.70
C GLY H 114 19.45 -10.32 -32.15
N PRO H 115 19.88 -11.58 -32.43
CA PRO H 115 20.03 -11.99 -33.83
C PRO H 115 18.77 -11.71 -34.64
N ASN H 116 18.90 -10.83 -35.63
CA ASN H 116 17.76 -10.34 -36.39
C ASN H 116 18.19 -10.12 -37.82
N GLY H 117 17.51 -10.80 -38.75
CA GLY H 117 17.80 -10.64 -40.16
C GLY H 117 16.79 -9.75 -40.87
N LYS H 118 15.53 -9.81 -40.43
CA LYS H 118 14.48 -9.02 -41.06
C LYS H 118 14.27 -7.67 -40.40
N GLY H 119 14.90 -7.43 -39.25
CA GLY H 119 14.75 -6.15 -38.58
C GLY H 119 16.05 -5.58 -38.03
N ARG H 120 17.12 -6.35 -38.12
CA ARG H 120 18.41 -6.02 -37.50
C ARG H 120 18.22 -5.49 -36.08
N LYS H 121 18.96 -4.43 -35.75
CA LYS H 121 18.83 -3.72 -34.48
C LYS H 121 18.99 -4.61 -33.26
N PRO H 122 20.17 -5.24 -33.06
CA PRO H 122 20.49 -5.88 -31.79
C PRO H 122 21.21 -4.94 -30.84
N GLY H 123 20.65 -3.75 -30.63
CA GLY H 123 21.30 -2.70 -29.89
C GLY H 123 20.82 -2.61 -28.45
N PHE H 124 21.57 -1.82 -27.67
CA PHE H 124 21.22 -1.57 -26.28
C PHE H 124 22.07 -0.40 -25.80
N SER H 125 21.91 -0.04 -24.52
CA SER H 125 22.72 1.00 -23.92
C SER H 125 22.83 0.77 -22.43
N ALA H 126 23.80 1.45 -21.81
CA ALA H 126 24.05 1.26 -20.39
C ALA H 126 23.10 2.09 -19.54
N LYS H 127 22.39 3.05 -20.13
CA LYS H 127 21.44 3.84 -19.37
C LYS H 127 20.21 3.01 -18.99
N GLY H 128 19.71 2.21 -19.91
CA GLY H 128 18.57 1.35 -19.69
C GLY H 128 18.85 0.02 -19.01
N MET H 129 20.14 -0.33 -18.85
CA MET H 129 20.49 -1.55 -18.14
C MET H 129 19.91 -1.54 -16.73
N GLU H 130 20.02 -0.42 -16.03
CA GLU H 130 19.59 -0.37 -14.63
C GLU H 130 18.10 -0.62 -14.50
N VAL H 131 17.28 0.04 -15.33
CA VAL H 131 15.85 -0.17 -15.25
C VAL H 131 15.46 -1.56 -15.72
N LEU H 132 16.13 -2.05 -16.76
CA LEU H 132 15.72 -3.38 -17.30
C LEU H 132 16.12 -4.48 -16.33
N GLU H 133 17.14 -4.26 -15.47
CA GLU H 133 17.51 -5.24 -14.47
C GLU H 133 16.80 -5.03 -13.14
N SER H 134 16.26 -3.85 -12.88
CA SER H 134 15.38 -3.67 -11.72
C SER H 134 13.98 -4.21 -11.97
N ILE H 135 13.54 -4.23 -13.22
CA ILE H 135 12.23 -4.79 -13.55
C ILE H 135 12.14 -6.26 -13.12
N VAL H 136 13.18 -7.04 -13.43
CA VAL H 136 13.17 -8.47 -13.11
C VAL H 136 13.09 -8.68 -11.61
N LYS H 137 13.92 -7.95 -10.86
CA LYS H 137 13.89 -8.09 -9.41
C LYS H 137 12.55 -7.70 -8.82
N SER H 138 11.96 -6.62 -9.33
CA SER H 138 10.65 -6.19 -8.84
C SER H 138 9.59 -7.26 -9.06
N LEU H 139 9.52 -7.81 -10.28
CA LEU H 139 8.54 -8.85 -10.54
C LEU H 139 8.78 -10.08 -9.67
N ALA H 140 10.03 -10.50 -9.54
CA ALA H 140 10.33 -11.70 -8.77
C ALA H 140 9.89 -11.53 -7.32
N THR H 141 10.26 -10.43 -6.68
CA THR H 141 9.88 -10.21 -5.30
C THR H 141 8.36 -10.11 -5.16
N GLU H 142 7.71 -9.37 -6.06
CA GLU H 142 6.27 -9.16 -5.96
C GLU H 142 5.51 -10.47 -6.04
N MET H 143 5.86 -11.34 -7.00
CA MET H 143 5.12 -12.58 -7.10
C MET H 143 5.52 -13.59 -6.04
N THR H 144 6.78 -13.59 -5.60
CA THR H 144 7.20 -14.52 -4.56
C THR H 144 6.50 -14.23 -3.24
N ILE H 145 6.29 -12.94 -2.91
CA ILE H 145 5.60 -12.61 -1.67
C ILE H 145 4.20 -13.22 -1.66
N VAL H 146 3.47 -13.05 -2.75
CA VAL H 146 2.10 -13.53 -2.79
C VAL H 146 2.07 -15.06 -2.81
N ALA H 147 3.00 -15.69 -3.52
CA ALA H 147 3.05 -17.15 -3.51
C ALA H 147 3.32 -17.69 -2.12
N ASN H 148 4.27 -17.08 -1.41
CA ASN H 148 4.57 -17.53 -0.05
C ASN H 148 3.37 -17.33 0.87
N GLU H 149 2.71 -16.18 0.78
CA GLU H 149 1.53 -15.95 1.62
C GLU H 149 0.44 -16.97 1.32
N LEU H 150 0.17 -17.23 0.04
CA LEU H 150 -0.83 -18.21 -0.35
C LEU H 150 -0.47 -19.61 0.12
N ALA H 151 0.83 -19.93 0.22
CA ALA H 151 1.23 -21.24 0.72
C ALA H 151 0.82 -21.48 2.15
N LYS H 152 0.92 -20.46 3.01
CA LYS H 152 0.62 -20.64 4.43
C LYS H 152 -0.84 -20.99 4.68
N HIS H 153 -1.74 -20.70 3.73
CA HIS H 153 -3.14 -21.07 3.90
C HIS H 153 -3.31 -22.58 3.98
N GLN H 154 -2.66 -23.31 3.08
CA GLN H 154 -2.81 -24.76 3.02
C GLN H 154 -2.15 -25.46 4.18
N GLY H 155 -1.32 -24.77 4.96
CA GLY H 155 -0.52 -25.42 5.98
C GLY H 155 0.73 -26.10 5.46
N ARG H 156 0.97 -26.03 4.16
CA ARG H 156 2.15 -26.63 3.56
C ARG H 156 3.38 -25.78 3.86
N GLN H 157 4.54 -26.28 3.42
CA GLN H 157 5.76 -25.49 3.48
C GLN H 157 6.62 -25.69 2.23
N THR H 158 5.98 -25.93 1.09
CA THR H 158 6.68 -26.17 -0.17
C THR H 158 6.12 -25.27 -1.27
N LEU H 159 7.00 -24.70 -2.09
CA LEU H 159 6.59 -23.88 -3.22
C LEU H 159 7.14 -24.50 -4.50
N GLY H 160 6.26 -24.85 -5.42
CA GLY H 160 6.70 -25.17 -6.77
C GLY H 160 5.58 -25.39 -7.76
N ALA H 161 5.62 -24.67 -8.88
CA ALA H 161 4.72 -24.86 -10.02
C ALA H 161 3.25 -24.68 -9.64
N GLY H 162 3.01 -24.38 -8.37
CA GLY H 162 1.68 -24.26 -7.81
C GLY H 162 1.41 -22.84 -7.39
N ASP H 163 1.67 -22.59 -6.11
CA ASP H 163 1.53 -21.28 -5.48
C ASP H 163 1.98 -20.15 -6.38
N PHE H 164 3.08 -20.34 -7.12
CA PHE H 164 3.51 -19.29 -8.05
C PHE H 164 2.50 -19.11 -9.19
N ARG H 165 1.96 -20.21 -9.72
CA ARG H 165 0.98 -20.10 -10.79
C ARG H 165 -0.28 -19.39 -10.30
N THR H 166 -0.75 -19.76 -9.10
CA THR H 166 -1.90 -19.08 -8.54
C THR H 166 -1.59 -17.62 -8.22
N ALA H 167 -0.35 -17.31 -7.83
CA ALA H 167 0.05 -15.93 -7.62
C ALA H 167 -0.02 -15.13 -8.91
N LEU H 168 0.43 -15.73 -10.01
CA LEU H 168 0.32 -15.07 -11.31
C LEU H 168 -1.13 -14.83 -11.68
N ALA H 169 -1.99 -15.83 -11.44
CA ALA H 169 -3.41 -15.66 -11.71
C ALA H 169 -4.01 -14.55 -10.87
N VAL H 170 -3.60 -14.45 -9.61
CA VAL H 170 -4.13 -13.41 -8.73
C VAL H 170 -3.66 -12.04 -9.17
N ARG H 171 -2.38 -11.92 -9.55
CA ARG H 171 -1.87 -10.63 -10.02
C ARG H 171 -2.41 -10.26 -11.40
N GLY H 172 -2.97 -11.22 -12.13
CA GLY H 172 -3.70 -10.91 -13.34
C GLY H 172 -5.11 -10.44 -13.05
N SER H 173 -5.81 -11.16 -12.16
CA SER H 173 -7.16 -10.78 -11.80
C SER H 173 -7.22 -9.42 -11.13
N LEU H 174 -6.26 -9.13 -10.24
CA LEU H 174 -6.23 -7.84 -9.56
C LEU H 174 -6.02 -6.70 -10.53
N ILE H 175 -5.35 -6.96 -11.65
CA ILE H 175 -5.09 -5.93 -12.65
C ILE H 175 -6.25 -5.77 -13.62
N ALA H 176 -7.07 -6.81 -13.80
CA ALA H 176 -8.11 -6.86 -14.83
C ALA H 176 -7.49 -6.74 -16.22
N ARG H 177 -6.33 -7.36 -16.38
CA ARG H 177 -5.63 -7.39 -17.67
C ARG H 177 -6.45 -8.15 -18.71
N GLU H 178 -6.02 -8.03 -19.96
CA GLU H 178 -6.63 -8.80 -21.03
C GLU H 178 -6.33 -10.29 -20.82
N PRO H 179 -7.28 -11.16 -21.18
CA PRO H 179 -7.07 -12.60 -20.91
C PRO H 179 -5.83 -13.16 -21.58
N ALA H 180 -5.47 -12.66 -22.76
CA ALA H 180 -4.30 -13.16 -23.46
C ALA H 180 -3.01 -12.94 -22.67
N THR H 181 -2.88 -11.81 -21.97
CA THR H 181 -1.63 -11.49 -21.27
C THR H 181 -1.29 -12.57 -20.24
N VAL H 182 -2.27 -13.01 -19.46
CA VAL H 182 -1.99 -14.03 -18.45
C VAL H 182 -2.05 -15.43 -19.07
N LYS H 183 -2.94 -15.64 -20.04
CA LYS H 183 -3.08 -16.97 -20.63
C LYS H 183 -1.80 -17.40 -21.33
N ALA H 184 -1.24 -16.53 -22.18
CA ALA H 184 -0.02 -16.88 -22.89
C ALA H 184 1.14 -17.10 -21.93
N LEU H 185 1.24 -16.25 -20.90
CA LEU H 185 2.33 -16.38 -19.94
C LEU H 185 2.25 -17.71 -19.19
N THR H 186 1.06 -18.09 -18.73
CA THR H 186 0.95 -19.34 -18.00
C THR H 186 1.13 -20.56 -18.91
N GLU H 187 0.66 -20.48 -20.16
CA GLU H 187 0.91 -21.57 -21.10
C GLU H 187 2.40 -21.73 -21.37
N MET H 188 3.11 -20.61 -21.52
CA MET H 188 4.55 -20.66 -21.70
C MET H 188 5.25 -21.26 -20.49
N GLY H 189 4.81 -20.89 -19.29
CA GLY H 189 5.41 -21.46 -18.09
C GLY H 189 5.20 -22.96 -18.01
N GLU H 190 4.00 -23.42 -18.34
CA GLU H 190 3.75 -24.87 -18.37
C GLU H 190 4.63 -25.56 -19.40
N LYS H 191 4.79 -24.94 -20.58
CA LYS H 191 5.66 -25.52 -21.60
C LYS H 191 7.10 -25.63 -21.09
N ALA H 192 7.59 -24.57 -20.44
CA ALA H 192 8.96 -24.60 -19.93
C ALA H 192 9.14 -25.68 -18.87
N VAL H 193 8.18 -25.80 -17.95
CA VAL H 193 8.30 -26.79 -16.89
C VAL H 193 8.23 -28.21 -17.47
N LEU H 194 7.40 -28.41 -18.50
CA LEU H 194 7.35 -29.71 -19.15
C LEU H 194 8.67 -30.02 -19.84
N LYS H 195 9.26 -29.03 -20.51
CA LYS H 195 10.54 -29.25 -21.18
C LYS H 195 11.62 -29.61 -20.16
N TYR H 196 11.64 -28.93 -19.02
CA TYR H 196 12.63 -29.25 -18.00
C TYR H 196 12.41 -30.64 -17.43
N GLN H 197 11.16 -31.01 -17.15
CA GLN H 197 10.88 -32.28 -16.49
C GLN H 197 10.83 -33.46 -17.46
N SER H 198 10.96 -33.22 -18.76
CA SER H 198 11.01 -34.32 -19.71
C SER H 198 12.20 -35.24 -19.44
N SER H 199 13.37 -34.67 -19.17
CA SER H 199 14.56 -35.47 -18.91
C SER H 199 14.59 -36.06 -17.50
N LEU H 200 13.67 -35.66 -16.63
CA LEU H 200 13.60 -36.16 -15.26
C LEU H 200 14.90 -35.89 -14.49
#